data_4ZJZ
#
_entry.id   4ZJZ
#
_cell.length_a   58.615
_cell.length_b   95.611
_cell.length_c   95.706
_cell.angle_alpha   90.00
_cell.angle_beta   104.53
_cell.angle_gamma   90.00
#
_symmetry.space_group_name_H-M   'P 1 21 1'
#
loop_
_entity.id
_entity.type
_entity.pdbx_description
1 polymer 'Benzoate-coenzyme A ligase'
2 non-polymer "5'-O-[(R)-(benzoyloxy)(hydroxy)phosphoryl]adenosine"
3 non-polymer 'BENZOIC ACID'
4 non-polymer GLYCEROL
5 water water
#
_entity_poly.entity_id   1
_entity_poly.type   'polypeptide(L)'
_entity_poly.pdbx_seq_one_letter_code
;MNAAAVTPPPEKFNFAEHLLQTNRVRPDKTAFVDDISSLSFAQLEAQTRQLAAALRAIGVKREERVLLLMLDGTDWPVAF
LGAIYAGIVPVAVNTLLTADDYAYMLEHSRAQAVLVSGALHPVLKAALTKSDHEVQRVIVSRPAAPLEPGEVDFAEFVGA
HAPLEKPAATQADDPAFWLYSSGSTGRPKGVVHTHANPYWTSELYGRNTLHLREDDVCFSAAKLFFAYGLGNALTFPMTV
GATTLLMGERPTPDAVFKRWLGGVGGVKPTVFYGAPTGYAGMLAAPNLPSRDQVALRLASSAGEALPAEIGQRFQRHFGL
DIVDGIGSTEMLHIFLSNLPDRVRYGTTGWPVPGYQIELRGDGGGPVADGEPGDLYIHGPSSATMYWGNRAKSRDTFQGG
WTKSGDKYVRNDDGSYTYAGRTDDMLKVSGIYVSPFEIEATLVQHPGVLEAAVVGVADEHGLTKPKAYVVPRPGQTLSET
ELKTFIKDRLAPYKYPRSTVFVAELPKTATGKIQRFKLREGVLG
;
_entity_poly.pdbx_strand_id   A,B
#
# COMPACT_ATOMS: atom_id res chain seq x y z
N VAL A 6 7.72 -6.93 -15.00
CA VAL A 6 6.66 -7.67 -15.76
C VAL A 6 7.20 -8.34 -16.99
N THR A 7 6.93 -9.64 -17.14
CA THR A 7 7.43 -10.32 -18.34
C THR A 7 6.51 -10.03 -19.57
N PRO A 8 7.09 -9.85 -20.75
CA PRO A 8 6.25 -9.44 -21.88
C PRO A 8 5.36 -10.62 -22.25
N PRO A 9 4.25 -10.33 -22.92
CA PRO A 9 3.43 -11.46 -23.31
C PRO A 9 4.21 -12.22 -24.45
N PRO A 10 3.88 -13.49 -24.71
CA PRO A 10 4.58 -14.18 -25.84
C PRO A 10 4.12 -13.64 -27.17
N GLU A 11 4.86 -13.92 -28.21
CA GLU A 11 4.45 -13.33 -29.50
C GLU A 11 3.18 -13.91 -30.13
N LYS A 12 2.93 -15.18 -29.86
CA LYS A 12 1.65 -15.76 -30.17
C LYS A 12 0.80 -15.67 -28.89
N PHE A 13 -0.26 -14.88 -29.00
CA PHE A 13 -0.98 -14.50 -27.80
C PHE A 13 -2.37 -14.00 -28.20
N ASN A 14 -3.37 -14.61 -27.57
CA ASN A 14 -4.74 -14.13 -27.76
C ASN A 14 -5.26 -13.73 -26.35
N PHE A 15 -5.63 -12.46 -26.23
CA PHE A 15 -5.84 -11.91 -24.91
C PHE A 15 -7.04 -12.56 -24.21
N ALA A 16 -8.08 -12.91 -25.00
CA ALA A 16 -9.23 -13.57 -24.41
C ALA A 16 -8.80 -14.96 -23.86
N GLU A 17 -8.07 -15.73 -24.69
CA GLU A 17 -7.54 -17.02 -24.15
C GLU A 17 -6.70 -16.81 -22.89
N HIS A 18 -5.89 -15.77 -22.85
CA HIS A 18 -5.03 -15.48 -21.71
C HIS A 18 -5.94 -15.22 -20.42
N LEU A 19 -7.00 -14.44 -20.54
CA LEU A 19 -7.91 -14.25 -19.40
C LEU A 19 -8.70 -15.50 -19.00
N LEU A 20 -9.12 -16.31 -19.97
CA LEU A 20 -9.81 -17.60 -19.65
C LEU A 20 -8.81 -18.50 -18.94
N GLN A 21 -7.58 -18.63 -19.50
CA GLN A 21 -6.60 -19.56 -18.91
C GLN A 21 -6.30 -19.18 -17.45
N THR A 22 -6.11 -17.87 -17.20
CA THR A 22 -5.75 -17.39 -15.89
C THR A 22 -6.80 -17.90 -14.83
N ASN A 23 -8.07 -18.05 -15.23
CA ASN A 23 -9.13 -18.27 -14.23
C ASN A 23 -9.62 -19.72 -14.21
N ARG A 24 -8.90 -20.58 -14.92
CA ARG A 24 -9.23 -22.04 -14.87
C ARG A 24 -8.98 -22.61 -13.47
N VAL A 25 -8.18 -21.91 -12.66
CA VAL A 25 -8.01 -22.33 -11.23
C VAL A 25 -9.21 -22.02 -10.34
N ARG A 26 -10.16 -21.20 -10.82
CA ARG A 26 -11.28 -20.80 -9.99
C ARG A 26 -12.61 -20.87 -10.74
N PRO A 27 -12.95 -22.05 -11.26
CA PRO A 27 -14.10 -22.16 -12.16
C PRO A 27 -15.39 -21.75 -11.45
N ASP A 28 -15.51 -21.93 -10.13
CA ASP A 28 -16.79 -21.66 -9.50
C ASP A 28 -16.90 -20.33 -8.76
N LYS A 29 -15.85 -19.54 -8.85
CA LYS A 29 -15.97 -18.22 -8.27
C LYS A 29 -16.83 -17.32 -9.20
N THR A 30 -17.54 -16.34 -8.62
CA THR A 30 -18.31 -15.41 -9.48
C THR A 30 -17.33 -14.50 -10.21
N ALA A 31 -17.50 -14.46 -11.54
CA ALA A 31 -16.69 -13.56 -12.38
C ALA A 31 -17.43 -12.23 -12.46
N PHE A 32 -18.70 -12.28 -12.89
CA PHE A 32 -19.50 -11.02 -13.04
C PHE A 32 -20.91 -11.21 -12.48
N VAL A 33 -21.43 -10.18 -11.88
CA VAL A 33 -22.78 -10.14 -11.39
C VAL A 33 -23.41 -8.77 -11.70
N ASP A 34 -24.64 -8.80 -12.17
CA ASP A 34 -25.37 -7.54 -12.34
C ASP A 34 -26.73 -7.64 -11.61
N ASP A 35 -27.65 -6.75 -11.96
CA ASP A 35 -28.94 -6.66 -11.28
C ASP A 35 -29.90 -7.83 -11.52
N ILE A 36 -29.56 -8.75 -12.42
CA ILE A 36 -30.50 -9.89 -12.70
C ILE A 36 -29.79 -11.21 -13.00
N SER A 37 -28.46 -11.23 -12.95
CA SER A 37 -27.75 -12.44 -13.47
C SER A 37 -26.36 -12.49 -12.89
N SER A 38 -25.73 -13.64 -12.99
CA SER A 38 -24.31 -13.80 -12.56
C SER A 38 -23.67 -14.83 -13.47
N LEU A 39 -22.34 -14.68 -13.68
CA LEU A 39 -21.53 -15.74 -14.34
C LEU A 39 -20.39 -16.10 -13.44
N SER A 40 -20.20 -17.41 -13.21
CA SER A 40 -18.94 -17.87 -12.68
C SER A 40 -17.85 -17.82 -13.78
N PHE A 41 -16.56 -17.93 -13.38
CA PHE A 41 -15.48 -18.00 -14.42
C PHE A 41 -15.74 -19.14 -15.40
N ALA A 42 -16.28 -20.25 -14.89
CA ALA A 42 -16.50 -21.41 -15.80
C ALA A 42 -17.65 -21.09 -16.73
N GLN A 43 -18.68 -20.46 -16.23
CA GLN A 43 -19.83 -20.13 -17.11
C GLN A 43 -19.42 -19.09 -18.14
N LEU A 44 -18.59 -18.13 -17.71
CA LEU A 44 -18.14 -17.05 -18.60
C LEU A 44 -17.32 -17.69 -19.71
N GLU A 45 -16.38 -18.61 -19.36
CA GLU A 45 -15.61 -19.30 -20.42
C GLU A 45 -16.47 -20.01 -21.44
N ALA A 46 -17.42 -20.82 -20.95
CA ALA A 46 -18.35 -21.52 -21.85
C ALA A 46 -19.09 -20.55 -22.76
N GLN A 47 -19.65 -19.48 -22.18
CA GLN A 47 -20.47 -18.58 -23.03
C GLN A 47 -19.60 -17.81 -24.00
N THR A 48 -18.44 -17.37 -23.52
CA THR A 48 -17.44 -16.70 -24.39
C THR A 48 -17.10 -17.53 -25.63
N ARG A 49 -16.78 -18.82 -25.39
CA ARG A 49 -16.38 -19.66 -26.48
C ARG A 49 -17.56 -20.06 -27.40
N GLN A 50 -18.76 -20.20 -26.84
CA GLN A 50 -19.97 -20.39 -27.64
C GLN A 50 -20.26 -19.15 -28.54
N LEU A 51 -20.12 -17.94 -27.98
CA LEU A 51 -20.35 -16.72 -28.78
C LEU A 51 -19.28 -16.62 -29.90
N ALA A 52 -18.03 -16.97 -29.58
CA ALA A 52 -16.95 -17.03 -30.61
C ALA A 52 -17.37 -17.92 -31.77
N ALA A 53 -17.91 -19.10 -31.42
CA ALA A 53 -18.38 -20.03 -32.45
C ALA A 53 -19.56 -19.45 -33.20
N ALA A 54 -20.45 -18.79 -32.50
CA ALA A 54 -21.68 -18.25 -33.17
C ALA A 54 -21.27 -17.18 -34.19
N LEU A 55 -20.35 -16.29 -33.80
CA LEU A 55 -19.93 -15.23 -34.74
C LEU A 55 -19.29 -15.87 -35.96
N ARG A 56 -18.49 -16.93 -35.76
CA ARG A 56 -17.81 -17.58 -36.92
C ARG A 56 -18.84 -18.30 -37.80
N ALA A 57 -19.86 -18.86 -37.17
CA ALA A 57 -20.88 -19.66 -37.90
C ALA A 57 -21.70 -18.76 -38.80
N ILE A 58 -21.91 -17.48 -38.43
CA ILE A 58 -22.61 -16.54 -39.34
C ILE A 58 -21.68 -15.85 -40.37
N GLY A 59 -20.40 -16.26 -40.46
CA GLY A 59 -19.48 -15.89 -41.52
C GLY A 59 -18.52 -14.76 -41.19
N VAL A 60 -18.49 -14.27 -39.94
CA VAL A 60 -17.56 -13.17 -39.62
C VAL A 60 -16.20 -13.79 -39.51
N LYS A 61 -15.23 -13.20 -40.18
CA LYS A 61 -13.93 -13.79 -40.32
C LYS A 61 -12.94 -13.08 -39.41
N ARG A 62 -11.77 -13.70 -39.24
CA ARG A 62 -10.65 -13.09 -38.55
C ARG A 62 -10.31 -11.70 -39.09
N GLU A 63 -10.09 -10.77 -38.17
CA GLU A 63 -9.71 -9.42 -38.54
C GLU A 63 -10.91 -8.53 -38.80
N GLU A 64 -12.08 -9.12 -39.03
CA GLU A 64 -13.27 -8.26 -39.30
C GLU A 64 -13.78 -7.68 -37.98
N ARG A 65 -14.57 -6.60 -38.07
CA ARG A 65 -15.04 -5.85 -36.87
C ARG A 65 -16.49 -6.25 -36.61
N VAL A 66 -16.87 -6.21 -35.35
CA VAL A 66 -18.27 -6.20 -34.97
C VAL A 66 -18.50 -5.03 -34.02
N LEU A 67 -19.69 -4.42 -34.07
CA LEU A 67 -19.96 -3.32 -33.19
C LEU A 67 -20.54 -3.84 -31.88
N LEU A 68 -20.02 -3.35 -30.75
CA LEU A 68 -20.51 -3.82 -29.44
C LEU A 68 -21.12 -2.57 -28.72
N LEU A 69 -22.48 -2.51 -28.73
CA LEU A 69 -23.17 -1.34 -28.25
C LEU A 69 -24.11 -1.83 -27.13
N MET A 70 -23.60 -1.88 -25.92
CA MET A 70 -24.29 -2.67 -24.91
C MET A 70 -24.08 -1.92 -23.60
N LEU A 71 -25.15 -1.94 -22.78
CA LEU A 71 -25.08 -1.44 -21.36
C LEU A 71 -24.23 -2.44 -20.55
N ASP A 72 -23.69 -1.97 -19.43
CA ASP A 72 -22.89 -2.84 -18.56
C ASP A 72 -23.84 -3.91 -18.00
N GLY A 73 -23.38 -5.14 -18.09
CA GLY A 73 -24.12 -6.31 -17.60
C GLY A 73 -23.36 -7.53 -17.97
N THR A 74 -23.76 -8.70 -17.45
CA THR A 74 -22.94 -9.92 -17.67
C THR A 74 -22.76 -10.34 -19.15
N ASP A 75 -23.63 -9.93 -20.07
CA ASP A 75 -23.42 -10.28 -21.45
C ASP A 75 -22.28 -9.43 -22.05
N TRP A 76 -21.96 -8.30 -21.45
CA TRP A 76 -20.96 -7.43 -22.14
C TRP A 76 -19.57 -8.19 -22.22
N PRO A 77 -19.06 -8.71 -21.09
CA PRO A 77 -17.74 -9.38 -21.27
C PRO A 77 -17.83 -10.70 -22.11
N VAL A 78 -19.00 -11.36 -22.15
CA VAL A 78 -19.15 -12.47 -23.11
C VAL A 78 -18.98 -11.97 -24.54
N ALA A 79 -19.66 -10.86 -24.86
CA ALA A 79 -19.54 -10.33 -26.22
C ALA A 79 -18.10 -9.92 -26.57
N PHE A 80 -17.46 -9.21 -25.63
CA PHE A 80 -16.11 -8.60 -25.89
C PHE A 80 -15.11 -9.78 -26.03
N LEU A 81 -15.04 -10.63 -24.99
CA LEU A 81 -14.03 -11.72 -24.97
C LEU A 81 -14.38 -12.76 -26.04
N GLY A 82 -15.67 -12.98 -26.37
CA GLY A 82 -16.08 -13.97 -27.37
C GLY A 82 -15.58 -13.58 -28.76
N ALA A 83 -15.81 -12.32 -29.13
CA ALA A 83 -15.20 -11.84 -30.38
C ALA A 83 -13.68 -12.00 -30.39
N ILE A 84 -12.98 -11.55 -29.34
CA ILE A 84 -11.52 -11.59 -29.33
C ILE A 84 -11.02 -13.06 -29.40
N TYR A 85 -11.71 -13.95 -28.71
CA TYR A 85 -11.33 -15.42 -28.73
C TYR A 85 -11.33 -15.91 -30.20
N ALA A 86 -12.37 -15.52 -30.93
CA ALA A 86 -12.52 -15.85 -32.37
C ALA A 86 -11.54 -15.07 -33.32
N GLY A 87 -10.80 -14.12 -32.78
CA GLY A 87 -9.90 -13.24 -33.54
C GLY A 87 -10.67 -12.23 -34.41
N ILE A 88 -11.90 -11.96 -33.98
CA ILE A 88 -12.77 -10.89 -34.54
C ILE A 88 -12.63 -9.66 -33.65
N VAL A 89 -12.75 -8.47 -34.22
CA VAL A 89 -12.35 -7.26 -33.52
C VAL A 89 -13.58 -6.52 -33.02
N PRO A 90 -13.88 -6.61 -31.72
CA PRO A 90 -15.11 -5.86 -31.26
C PRO A 90 -14.75 -4.37 -31.15
N VAL A 91 -15.70 -3.53 -31.53
CA VAL A 91 -15.52 -2.05 -31.53
C VAL A 91 -16.52 -1.64 -30.45
N ALA A 92 -15.99 -1.33 -29.26
CA ALA A 92 -16.87 -1.13 -28.07
C ALA A 92 -17.15 0.35 -27.90
N VAL A 93 -18.43 0.70 -27.98
CA VAL A 93 -18.81 2.13 -28.11
C VAL A 93 -19.71 2.67 -27.00
N ASN A 94 -19.64 4.00 -26.84
CA ASN A 94 -20.43 4.78 -25.90
C ASN A 94 -21.91 4.50 -26.19
N THR A 95 -22.73 4.34 -25.14
CA THR A 95 -24.13 3.97 -25.29
C THR A 95 -25.08 5.21 -25.31
N LEU A 96 -24.48 6.41 -25.25
CA LEU A 96 -25.23 7.65 -25.12
C LEU A 96 -25.11 8.49 -26.39
N LEU A 97 -24.74 7.88 -27.54
CA LEU A 97 -24.53 8.68 -28.75
C LEU A 97 -25.80 8.68 -29.64
N THR A 98 -25.74 9.42 -30.75
CA THR A 98 -26.94 9.49 -31.67
C THR A 98 -26.91 8.50 -32.77
N ALA A 99 -28.06 8.31 -33.39
CA ALA A 99 -28.07 7.41 -34.57
C ALA A 99 -27.02 7.79 -35.62
N ASP A 100 -26.83 9.09 -35.80
CA ASP A 100 -25.86 9.52 -36.77
C ASP A 100 -24.41 9.11 -36.40
N ASP A 101 -24.09 9.17 -35.11
CA ASP A 101 -22.74 8.74 -34.67
C ASP A 101 -22.60 7.23 -34.93
N TYR A 102 -23.63 6.44 -34.57
CA TYR A 102 -23.45 4.98 -34.87
C TYR A 102 -23.45 4.68 -36.37
N ALA A 103 -24.14 5.47 -37.17
CA ALA A 103 -24.10 5.21 -38.59
C ALA A 103 -22.69 5.38 -39.11
N TYR A 104 -22.04 6.42 -38.63
CA TYR A 104 -20.69 6.69 -39.02
C TYR A 104 -19.84 5.53 -38.59
N MET A 105 -20.03 5.13 -37.34
CA MET A 105 -19.22 3.96 -36.85
C MET A 105 -19.44 2.67 -37.62
N LEU A 106 -20.68 2.40 -38.00
CA LEU A 106 -20.94 1.18 -38.80
C LEU A 106 -20.17 1.25 -40.14
N GLU A 107 -20.19 2.41 -40.79
CA GLU A 107 -19.51 2.55 -42.11
C GLU A 107 -18.00 2.53 -41.99
N HIS A 108 -17.49 3.26 -40.99
CA HIS A 108 -16.06 3.48 -40.79
C HIS A 108 -15.38 2.14 -40.38
N SER A 109 -16.02 1.43 -39.47
CA SER A 109 -15.52 0.12 -38.97
C SER A 109 -15.77 -1.03 -39.96
N ARG A 110 -16.71 -0.84 -40.93
CA ARG A 110 -17.21 -1.94 -41.78
C ARG A 110 -17.65 -3.08 -40.89
N ALA A 111 -18.28 -2.74 -39.76
CA ALA A 111 -18.78 -3.84 -38.86
C ALA A 111 -19.66 -4.86 -39.62
N GLN A 112 -19.43 -6.14 -39.29
CA GLN A 112 -20.10 -7.25 -40.01
C GLN A 112 -21.26 -7.77 -39.23
N ALA A 113 -21.33 -7.39 -37.95
CA ALA A 113 -22.47 -7.79 -37.10
C ALA A 113 -22.55 -6.73 -36.00
N VAL A 114 -23.67 -6.72 -35.27
CA VAL A 114 -23.81 -5.81 -34.16
C VAL A 114 -24.38 -6.58 -32.97
N LEU A 115 -23.77 -6.34 -31.80
CA LEU A 115 -24.22 -6.97 -30.56
C LEU A 115 -24.74 -5.76 -29.79
N VAL A 116 -26.04 -5.72 -29.50
CA VAL A 116 -26.69 -4.52 -28.99
C VAL A 116 -27.66 -4.88 -27.84
N SER A 117 -27.67 -4.04 -26.79
CA SER A 117 -28.65 -4.15 -25.64
C SER A 117 -30.02 -3.79 -26.23
N GLY A 118 -31.04 -4.51 -25.79
CA GLY A 118 -32.40 -4.09 -26.18
C GLY A 118 -32.75 -2.62 -25.98
N ALA A 119 -32.31 -2.02 -24.88
CA ALA A 119 -32.63 -0.64 -24.66
C ALA A 119 -31.99 0.29 -25.75
N LEU A 120 -30.97 -0.20 -26.43
CA LEU A 120 -30.21 0.54 -27.49
C LEU A 120 -30.65 0.18 -28.87
N HIS A 121 -31.60 -0.79 -29.01
CA HIS A 121 -31.99 -1.19 -30.32
C HIS A 121 -32.67 -0.10 -31.17
N PRO A 122 -33.43 0.85 -30.52
CA PRO A 122 -34.10 1.91 -31.36
C PRO A 122 -33.02 2.81 -32.05
N VAL A 123 -32.03 3.25 -31.28
CA VAL A 123 -31.00 4.14 -31.92
C VAL A 123 -30.19 3.38 -32.98
N LEU A 124 -29.89 2.10 -32.68
CA LEU A 124 -29.16 1.26 -33.63
C LEU A 124 -29.99 1.08 -34.91
N LYS A 125 -31.29 0.85 -34.75
CA LYS A 125 -32.17 0.68 -35.90
C LYS A 125 -32.07 1.87 -36.85
N ALA A 126 -32.19 3.07 -36.30
CA ALA A 126 -32.10 4.29 -37.07
C ALA A 126 -30.72 4.40 -37.74
N ALA A 127 -29.65 4.02 -37.01
CA ALA A 127 -28.32 3.99 -37.65
C ALA A 127 -28.21 3.04 -38.84
N LEU A 128 -28.79 1.81 -38.71
CA LEU A 128 -28.80 0.85 -39.79
C LEU A 128 -29.62 1.36 -40.99
N THR A 129 -30.74 2.00 -40.71
CA THR A 129 -31.62 2.40 -41.81
C THR A 129 -30.94 3.50 -42.66
N LYS A 130 -30.14 4.38 -42.02
CA LYS A 130 -29.67 5.53 -42.74
C LYS A 130 -28.29 5.31 -43.41
N SER A 131 -27.62 4.21 -43.08
CA SER A 131 -26.21 4.04 -43.48
C SER A 131 -25.94 3.01 -44.57
N ASP A 132 -24.75 3.16 -45.18
CA ASP A 132 -24.32 2.19 -46.20
C ASP A 132 -23.44 1.14 -45.48
N HIS A 133 -24.08 0.34 -44.63
CA HIS A 133 -23.37 -0.50 -43.70
C HIS A 133 -23.24 -1.92 -44.32
N GLU A 134 -22.43 -2.75 -43.66
CA GLU A 134 -22.19 -4.14 -44.07
C GLU A 134 -22.68 -5.19 -43.04
N VAL A 135 -23.62 -4.79 -42.19
CA VAL A 135 -24.03 -5.63 -41.03
C VAL A 135 -24.83 -6.86 -41.56
N GLN A 136 -24.34 -8.08 -41.23
CA GLN A 136 -24.97 -9.31 -41.64
C GLN A 136 -25.95 -9.85 -40.64
N ARG A 137 -25.78 -9.50 -39.37
CA ARG A 137 -26.68 -9.96 -38.30
C ARG A 137 -26.71 -8.99 -37.14
N VAL A 138 -27.88 -8.80 -36.54
CA VAL A 138 -28.03 -7.98 -35.28
C VAL A 138 -28.41 -8.97 -34.15
N ILE A 139 -27.60 -8.99 -33.10
CA ILE A 139 -27.77 -9.90 -32.02
C ILE A 139 -28.17 -9.04 -30.84
N VAL A 140 -29.33 -9.35 -30.25
CA VAL A 140 -29.95 -8.43 -29.29
C VAL A 140 -29.87 -9.03 -27.90
N SER A 141 -29.13 -8.38 -26.99
CA SER A 141 -29.10 -8.81 -25.56
C SER A 141 -30.18 -8.16 -24.78
N ARG A 142 -31.05 -8.98 -24.20
CA ARG A 142 -32.17 -8.52 -23.40
C ARG A 142 -33.09 -7.62 -24.21
N PRO A 143 -33.70 -8.17 -25.27
CA PRO A 143 -34.60 -7.34 -26.06
C PRO A 143 -35.68 -6.62 -25.25
N ALA A 144 -36.02 -5.39 -25.67
CA ALA A 144 -37.03 -4.56 -24.95
C ALA A 144 -38.23 -4.34 -25.92
N ALA A 145 -38.17 -4.92 -27.10
CA ALA A 145 -39.34 -4.91 -28.02
C ALA A 145 -39.14 -6.11 -28.92
N PRO A 146 -40.19 -6.50 -29.66
CA PRO A 146 -40.12 -7.70 -30.48
C PRO A 146 -38.96 -7.66 -31.50
N LEU A 147 -38.27 -8.79 -31.69
CA LEU A 147 -37.17 -8.85 -32.66
C LEU A 147 -37.73 -8.72 -34.06
N GLU A 148 -36.96 -8.02 -34.92
CA GLU A 148 -37.37 -7.90 -36.30
C GLU A 148 -36.89 -9.11 -37.04
N PRO A 149 -37.49 -9.38 -38.20
CA PRO A 149 -37.10 -10.59 -38.93
C PRO A 149 -35.60 -10.66 -39.17
N GLY A 150 -35.00 -11.81 -38.95
CA GLY A 150 -33.55 -11.84 -39.12
C GLY A 150 -32.72 -11.60 -37.84
N GLU A 151 -33.24 -10.82 -36.89
CA GLU A 151 -32.49 -10.55 -35.64
C GLU A 151 -32.54 -11.72 -34.70
N VAL A 152 -31.53 -11.82 -33.81
CA VAL A 152 -31.49 -13.03 -32.95
C VAL A 152 -31.25 -12.52 -31.53
N ASP A 153 -31.88 -13.18 -30.55
CA ASP A 153 -31.68 -12.91 -29.17
C ASP A 153 -30.28 -13.47 -28.77
N PHE A 154 -29.53 -12.66 -27.99
CA PHE A 154 -28.13 -13.00 -27.62
C PHE A 154 -28.11 -14.37 -26.93
N ALA A 155 -29.08 -14.61 -26.01
CA ALA A 155 -29.06 -15.86 -25.17
C ALA A 155 -29.28 -17.08 -26.10
N GLU A 156 -30.11 -16.90 -27.13
CA GLU A 156 -30.28 -18.06 -28.06
C GLU A 156 -29.13 -18.21 -29.01
N PHE A 157 -28.57 -17.09 -29.47
CA PHE A 157 -27.38 -17.12 -30.37
C PHE A 157 -26.17 -17.87 -29.74
N VAL A 158 -25.89 -17.52 -28.50
CA VAL A 158 -24.89 -18.19 -27.72
C VAL A 158 -25.32 -19.68 -27.45
N GLY A 159 -26.54 -19.89 -26.99
CA GLY A 159 -26.94 -21.25 -26.61
C GLY A 159 -27.01 -22.21 -27.80
N ALA A 160 -27.16 -21.70 -29.02
CA ALA A 160 -27.36 -22.53 -30.23
C ALA A 160 -26.05 -23.10 -30.80
N HIS A 161 -24.89 -22.67 -30.26
CA HIS A 161 -23.64 -23.05 -30.85
C HIS A 161 -22.71 -23.74 -29.88
N ALA A 162 -22.01 -24.79 -30.33
CA ALA A 162 -21.04 -25.44 -29.39
C ALA A 162 -19.82 -24.53 -29.22
N PRO A 163 -19.14 -24.59 -28.06
CA PRO A 163 -17.98 -23.71 -27.88
C PRO A 163 -16.90 -23.93 -28.89
N LEU A 164 -16.32 -22.81 -29.40
CA LEU A 164 -15.19 -22.92 -30.27
C LEU A 164 -14.10 -23.69 -29.51
N GLU A 165 -13.42 -24.60 -30.18
CA GLU A 165 -12.43 -25.49 -29.51
C GLU A 165 -11.13 -24.90 -29.24
N LYS A 166 -10.68 -23.90 -30.04
CA LYS A 166 -9.41 -23.26 -29.80
C LYS A 166 -9.58 -21.77 -30.21
N PRO A 167 -8.81 -20.89 -29.58
CA PRO A 167 -8.86 -19.51 -30.02
C PRO A 167 -8.16 -19.27 -31.36
N ALA A 168 -8.48 -18.17 -32.06
CA ALA A 168 -7.67 -17.70 -33.18
C ALA A 168 -6.20 -17.60 -32.77
N ALA A 169 -5.29 -18.04 -33.64
CA ALA A 169 -3.82 -17.98 -33.33
C ALA A 169 -3.28 -16.59 -33.66
N THR A 170 -3.67 -15.63 -32.84
CA THR A 170 -3.29 -14.28 -33.08
C THR A 170 -1.90 -13.99 -32.56
N GLN A 171 -1.29 -12.92 -33.04
CA GLN A 171 -0.06 -12.41 -32.49
C GLN A 171 -0.32 -11.27 -31.48
N ALA A 172 0.62 -11.09 -30.57
CA ALA A 172 0.44 -10.08 -29.50
C ALA A 172 0.21 -8.69 -30.11
N ASP A 173 0.88 -8.41 -31.22
CA ASP A 173 0.77 -7.06 -31.84
C ASP A 173 -0.35 -7.00 -32.91
N ASP A 174 -1.14 -8.07 -33.04
CA ASP A 174 -2.35 -7.97 -33.90
C ASP A 174 -3.42 -7.06 -33.23
N PRO A 175 -4.19 -6.35 -34.05
CA PRO A 175 -5.35 -5.66 -33.50
C PRO A 175 -6.28 -6.61 -32.77
N ALA A 176 -6.75 -6.17 -31.59
CA ALA A 176 -7.66 -7.01 -30.83
C ALA A 176 -9.07 -6.32 -30.72
N PHE A 177 -9.11 -4.99 -30.50
CA PHE A 177 -10.42 -4.30 -30.33
C PHE A 177 -10.21 -2.85 -30.65
N TRP A 178 -11.33 -2.13 -30.89
CA TRP A 178 -11.20 -0.66 -31.05
C TRP A 178 -12.05 0.04 -29.99
N LEU A 179 -11.67 1.28 -29.67
CA LEU A 179 -12.51 2.19 -28.90
C LEU A 179 -12.64 3.41 -29.75
N TYR A 180 -13.67 4.23 -29.57
CA TYR A 180 -13.70 5.48 -30.31
C TYR A 180 -13.51 6.65 -29.39
N SER A 181 -12.81 7.71 -29.85
CA SER A 181 -12.66 8.91 -29.05
C SER A 181 -12.88 10.11 -29.98
N SER A 182 -13.37 11.20 -29.44
CA SER A 182 -13.63 12.38 -30.35
C SER A 182 -12.77 13.57 -29.95
N GLY A 183 -12.42 14.42 -30.92
CA GLY A 183 -11.71 15.70 -30.67
C GLY A 183 -12.73 16.81 -30.85
N SER A 184 -12.20 18.03 -30.92
CA SER A 184 -13.11 19.20 -30.81
C SER A 184 -13.97 19.43 -32.04
N THR A 185 -13.48 18.94 -33.19
CA THR A 185 -14.31 18.90 -34.42
C THR A 185 -14.13 17.51 -35.05
N GLY A 186 -14.88 17.26 -36.10
CA GLY A 186 -14.68 16.00 -36.86
C GLY A 186 -15.37 14.80 -36.27
N ARG A 187 -15.23 13.72 -37.02
CA ARG A 187 -15.92 12.45 -36.60
C ARG A 187 -15.11 11.72 -35.48
N PRO A 188 -15.80 10.84 -34.74
CA PRO A 188 -15.04 10.02 -33.75
C PRO A 188 -13.87 9.27 -34.43
N LYS A 189 -12.75 9.15 -33.69
CA LYS A 189 -11.61 8.47 -34.23
C LYS A 189 -11.47 7.05 -33.64
N GLY A 190 -11.24 6.10 -34.51
CA GLY A 190 -11.24 4.63 -34.15
C GLY A 190 -9.81 4.32 -33.62
N VAL A 191 -9.71 4.16 -32.31
CA VAL A 191 -8.42 3.90 -31.69
C VAL A 191 -8.23 2.38 -31.66
N VAL A 192 -7.14 1.94 -32.29
CA VAL A 192 -6.95 0.49 -32.51
C VAL A 192 -5.98 -0.11 -31.51
N HIS A 193 -6.44 -1.07 -30.70
CA HIS A 193 -5.60 -1.65 -29.64
C HIS A 193 -5.28 -3.08 -29.93
N THR A 194 -4.10 -3.51 -29.47
CA THR A 194 -3.65 -4.89 -29.84
C THR A 194 -4.00 -5.88 -28.71
N HIS A 195 -3.74 -7.17 -28.89
CA HIS A 195 -3.87 -8.11 -27.80
C HIS A 195 -2.93 -7.86 -26.63
N ALA A 196 -1.74 -7.31 -26.91
CA ALA A 196 -0.81 -7.10 -25.78
C ALA A 196 -1.19 -5.91 -24.89
N ASN A 197 -1.85 -4.89 -25.50
CA ASN A 197 -2.03 -3.63 -24.77
C ASN A 197 -2.81 -3.83 -23.46
N PRO A 198 -3.91 -4.58 -23.49
CA PRO A 198 -4.62 -4.78 -22.13
C PRO A 198 -3.90 -5.72 -21.20
N TYR A 199 -2.93 -6.50 -21.71
CA TYR A 199 -2.06 -7.26 -20.78
C TYR A 199 -1.21 -6.28 -20.05
N TRP A 200 -0.63 -5.33 -20.77
CA TRP A 200 0.26 -4.39 -20.14
C TRP A 200 -0.44 -3.50 -19.12
N THR A 201 -1.64 -3.03 -19.42
CA THR A 201 -2.26 -2.07 -18.51
C THR A 201 -2.71 -2.91 -17.26
N SER A 202 -3.16 -4.13 -17.50
CA SER A 202 -3.63 -4.90 -16.38
C SER A 202 -2.47 -5.31 -15.40
N GLU A 203 -1.31 -5.59 -15.94
CA GLU A 203 -0.11 -5.94 -15.14
C GLU A 203 0.56 -4.73 -14.52
N LEU A 204 0.77 -3.68 -15.31
CA LEU A 204 1.55 -2.58 -14.82
C LEU A 204 0.70 -1.70 -13.87
N TYR A 205 -0.64 -1.62 -14.13
CA TYR A 205 -1.48 -0.70 -13.33
C TYR A 205 -2.38 -1.53 -12.41
N GLY A 206 -3.22 -2.38 -13.00
CA GLY A 206 -4.22 -3.17 -12.20
C GLY A 206 -3.48 -3.97 -11.10
N ARG A 207 -2.47 -4.76 -11.53
CA ARG A 207 -1.73 -5.57 -10.56
C ARG A 207 -0.69 -4.78 -9.78
N ASN A 208 0.26 -4.19 -10.51
CA ASN A 208 1.47 -3.67 -9.88
C ASN A 208 1.31 -2.26 -9.25
N THR A 209 0.22 -1.49 -9.56
CA THR A 209 0.04 -0.16 -8.95
C THR A 209 -1.09 -0.24 -7.91
N LEU A 210 -2.24 -0.70 -8.35
CA LEU A 210 -3.40 -0.83 -7.46
C LEU A 210 -3.30 -2.02 -6.49
N HIS A 211 -2.53 -3.09 -6.85
CA HIS A 211 -2.46 -4.35 -6.08
C HIS A 211 -3.82 -4.93 -5.94
N LEU A 212 -4.60 -4.97 -7.05
CA LEU A 212 -5.88 -5.74 -7.00
C LEU A 212 -5.59 -7.21 -6.70
N ARG A 213 -6.55 -7.91 -6.09
CA ARG A 213 -6.32 -9.30 -5.77
C ARG A 213 -7.59 -10.08 -5.89
N GLU A 214 -7.42 -11.39 -5.75
CA GLU A 214 -8.50 -12.34 -6.03
C GLU A 214 -9.73 -12.09 -5.16
N ASP A 215 -9.50 -11.74 -3.87
CA ASP A 215 -10.69 -11.49 -3.01
C ASP A 215 -11.41 -10.17 -3.14
N ASP A 216 -10.96 -9.32 -4.09
CA ASP A 216 -11.65 -8.07 -4.29
C ASP A 216 -12.95 -8.21 -5.03
N VAL A 217 -13.85 -7.27 -4.74
CA VAL A 217 -15.08 -7.09 -5.50
C VAL A 217 -14.96 -5.69 -6.17
N CYS A 218 -14.84 -5.65 -7.53
CA CYS A 218 -14.58 -4.40 -8.24
C CYS A 218 -15.92 -3.77 -8.69
N PHE A 219 -16.07 -2.45 -8.61
CA PHE A 219 -17.30 -1.81 -9.10
C PHE A 219 -16.91 -0.49 -9.68
N SER A 220 -17.15 -0.30 -10.99
CA SER A 220 -16.73 0.90 -11.71
C SER A 220 -17.97 1.71 -12.11
N ALA A 221 -18.06 2.96 -11.65
CA ALA A 221 -19.15 3.86 -12.13
C ALA A 221 -18.85 4.14 -13.62
N ALA A 222 -17.57 4.15 -14.03
CA ALA A 222 -17.20 4.30 -15.48
C ALA A 222 -17.53 3.04 -16.19
N LYS A 223 -18.35 3.17 -17.24
CA LYS A 223 -18.84 1.98 -17.96
C LYS A 223 -17.74 1.27 -18.79
N LEU A 224 -18.09 0.02 -19.21
CA LEU A 224 -17.09 -0.85 -19.82
C LEU A 224 -16.62 -0.29 -21.15
N PHE A 225 -17.39 0.55 -21.83
CA PHE A 225 -16.94 1.08 -23.13
C PHE A 225 -15.88 2.20 -22.94
N PHE A 226 -15.81 2.82 -21.77
CA PHE A 226 -14.70 3.79 -21.50
C PHE A 226 -13.38 2.97 -21.29
N ALA A 227 -12.26 3.46 -21.89
CA ALA A 227 -11.02 2.75 -21.64
C ALA A 227 -10.84 2.60 -20.12
N TYR A 228 -11.23 3.63 -19.35
CA TYR A 228 -11.00 3.55 -17.85
C TYR A 228 -11.82 2.36 -17.31
N GLY A 229 -13.09 2.30 -17.67
CA GLY A 229 -13.90 1.20 -17.14
C GLY A 229 -13.56 -0.17 -17.68
N LEU A 230 -13.16 -0.28 -18.94
CA LEU A 230 -12.77 -1.60 -19.48
C LEU A 230 -11.63 -2.21 -18.68
N GLY A 231 -10.69 -1.38 -18.24
CA GLY A 231 -9.60 -1.88 -17.33
C GLY A 231 -10.24 -2.18 -15.96
N ASN A 232 -10.94 -1.22 -15.38
CA ASN A 232 -11.38 -1.36 -13.99
C ASN A 232 -12.24 -2.56 -13.76
N ALA A 233 -13.14 -2.81 -14.70
CA ALA A 233 -14.25 -3.78 -14.45
C ALA A 233 -14.23 -4.94 -15.43
N LEU A 234 -13.14 -5.10 -16.17
CA LEU A 234 -13.02 -6.30 -17.01
C LEU A 234 -11.58 -6.77 -16.99
N THR A 235 -10.64 -6.02 -17.59
CA THR A 235 -9.34 -6.62 -17.75
C THR A 235 -8.55 -6.76 -16.41
N PHE A 236 -8.63 -5.76 -15.52
CA PHE A 236 -7.91 -5.85 -14.24
C PHE A 236 -8.47 -6.99 -13.39
N PRO A 237 -9.82 -7.03 -13.12
CA PRO A 237 -10.33 -8.10 -12.19
C PRO A 237 -10.08 -9.46 -12.79
N MET A 238 -10.24 -9.61 -14.13
CA MET A 238 -10.07 -10.96 -14.67
CA MET A 238 -10.05 -10.95 -14.76
C MET A 238 -8.61 -11.38 -14.62
N THR A 239 -7.70 -10.40 -14.63
CA THR A 239 -6.27 -10.74 -14.49
C THR A 239 -5.90 -11.31 -13.13
N VAL A 240 -6.62 -10.89 -12.06
CA VAL A 240 -6.32 -11.41 -10.71
C VAL A 240 -7.36 -12.36 -10.13
N GLY A 241 -8.45 -12.56 -10.85
CA GLY A 241 -9.52 -13.46 -10.39
C GLY A 241 -10.46 -12.79 -9.41
N ALA A 242 -10.52 -11.44 -9.42
CA ALA A 242 -11.49 -10.70 -8.55
C ALA A 242 -12.92 -10.89 -9.15
N THR A 243 -13.94 -10.68 -8.30
CA THR A 243 -15.33 -10.65 -8.78
C THR A 243 -15.73 -9.20 -9.13
N THR A 244 -16.53 -9.02 -10.20
CA THR A 244 -16.88 -7.71 -10.65
C THR A 244 -18.38 -7.53 -10.60
N LEU A 245 -18.82 -6.43 -10.00
CA LEU A 245 -20.19 -5.93 -10.02
C LEU A 245 -20.41 -5.00 -11.17
N LEU A 246 -21.41 -5.30 -11.99
CA LEU A 246 -21.73 -4.46 -13.17
C LEU A 246 -23.12 -3.82 -12.94
N MET A 247 -23.29 -2.58 -13.42
CA MET A 247 -24.57 -1.90 -13.22
C MET A 247 -25.03 -1.29 -14.54
N GLY A 248 -26.20 -1.65 -15.04
CA GLY A 248 -26.65 -1.07 -16.33
C GLY A 248 -27.10 0.39 -16.33
N GLU A 249 -27.70 0.82 -15.21
CA GLU A 249 -28.29 2.18 -15.13
C GLU A 249 -27.26 3.30 -15.00
N ARG A 250 -27.71 4.53 -15.27
CA ARG A 250 -26.81 5.71 -15.05
C ARG A 250 -26.34 5.79 -13.59
N PRO A 251 -25.02 6.02 -13.40
CA PRO A 251 -24.51 6.16 -12.04
C PRO A 251 -25.03 7.49 -11.43
N THR A 252 -25.72 7.35 -10.32
CA THR A 252 -26.08 8.46 -9.43
C THR A 252 -25.53 8.09 -8.09
N PRO A 253 -25.43 9.10 -7.19
CA PRO A 253 -25.08 8.70 -5.80
C PRO A 253 -25.93 7.56 -5.22
N ASP A 254 -27.26 7.63 -5.33
CA ASP A 254 -28.06 6.57 -4.76
C ASP A 254 -27.80 5.22 -5.38
N ALA A 255 -27.66 5.15 -6.73
CA ALA A 255 -27.46 3.84 -7.33
C ALA A 255 -26.13 3.25 -6.85
N VAL A 256 -25.14 4.13 -6.71
CA VAL A 256 -23.80 3.68 -6.30
C VAL A 256 -23.85 3.24 -4.83
N PHE A 257 -24.50 4.05 -3.97
CA PHE A 257 -24.57 3.65 -2.55
C PHE A 257 -25.30 2.30 -2.35
N LYS A 258 -26.34 2.05 -3.14
CA LYS A 258 -27.10 0.79 -3.07
C LYS A 258 -26.17 -0.41 -3.24
N ARG A 259 -25.23 -0.25 -4.19
CA ARG A 259 -24.28 -1.32 -4.45
C ARG A 259 -23.17 -1.33 -3.40
N TRP A 260 -22.67 -0.14 -2.98
CA TRP A 260 -21.70 -0.13 -1.85
C TRP A 260 -22.16 -0.94 -0.62
N LEU A 261 -23.47 -0.82 -0.37
CA LEU A 261 -24.06 -1.42 0.88
C LEU A 261 -24.46 -2.86 0.67
N GLY A 262 -24.22 -3.40 -0.53
CA GLY A 262 -24.47 -4.84 -0.76
C GLY A 262 -25.85 -5.14 -1.22
N GLY A 263 -26.51 -4.17 -1.83
CA GLY A 263 -27.86 -4.35 -2.31
C GLY A 263 -28.01 -5.23 -3.56
N VAL A 264 -26.91 -5.57 -4.24
CA VAL A 264 -26.95 -6.39 -5.43
C VAL A 264 -25.97 -7.58 -5.30
N GLY A 265 -26.51 -8.76 -5.59
CA GLY A 265 -25.72 -9.99 -5.78
C GLY A 265 -25.07 -10.52 -4.53
N GLY A 266 -25.52 -10.03 -3.36
CA GLY A 266 -24.99 -10.45 -2.08
C GLY A 266 -23.55 -10.03 -1.84
N VAL A 267 -23.08 -9.03 -2.60
CA VAL A 267 -21.66 -8.64 -2.59
C VAL A 267 -21.51 -7.17 -2.23
N LYS A 268 -20.49 -6.84 -1.43
CA LYS A 268 -20.14 -5.47 -1.22
C LYS A 268 -18.81 -5.18 -1.91
N PRO A 269 -18.81 -4.17 -2.78
CA PRO A 269 -17.54 -3.76 -3.47
C PRO A 269 -16.41 -3.44 -2.46
N THR A 270 -15.18 -3.81 -2.83
CA THR A 270 -13.99 -3.41 -2.05
C THR A 270 -13.18 -2.39 -2.81
N VAL A 271 -13.37 -2.36 -4.12
CA VAL A 271 -12.67 -1.44 -5.00
C VAL A 271 -13.70 -0.64 -5.77
N PHE A 272 -13.61 0.68 -5.72
CA PHE A 272 -14.57 1.56 -6.48
C PHE A 272 -13.72 2.49 -7.37
N TYR A 273 -14.55 2.75 -8.45
CA TYR A 273 -13.81 3.43 -9.45
C TYR A 273 -14.60 4.61 -10.05
N GLY A 274 -14.38 5.86 -10.24
CA GLY A 274 -15.27 6.81 -10.89
C GLY A 274 -14.62 8.16 -11.12
N ALA A 275 -15.39 9.11 -11.65
CA ALA A 275 -14.89 10.42 -11.91
C ALA A 275 -14.98 11.32 -10.70
N PRO A 276 -14.05 12.30 -10.58
CA PRO A 276 -14.22 13.32 -9.55
C PRO A 276 -15.63 13.93 -9.42
N THR A 277 -16.32 14.22 -10.54
CA THR A 277 -17.70 14.82 -10.49
C THR A 277 -18.62 13.93 -9.67
N GLY A 278 -18.39 12.60 -9.79
CA GLY A 278 -19.26 11.62 -9.08
C GLY A 278 -18.88 11.61 -7.61
N TYR A 279 -17.58 11.63 -7.30
CA TYR A 279 -17.19 11.67 -5.91
C TYR A 279 -17.72 12.96 -5.26
N ALA A 280 -17.67 14.06 -5.99
CA ALA A 280 -18.26 15.34 -5.38
C ALA A 280 -19.75 15.17 -5.14
N GLY A 281 -20.47 14.57 -6.10
CA GLY A 281 -21.94 14.31 -6.01
C GLY A 281 -22.24 13.40 -4.81
N MET A 282 -21.41 12.34 -4.63
CA MET A 282 -21.59 11.53 -3.45
C MET A 282 -21.38 12.23 -2.09
N LEU A 283 -20.32 13.04 -2.00
CA LEU A 283 -19.94 13.70 -0.75
C LEU A 283 -21.02 14.74 -0.45
N ALA A 284 -21.77 15.18 -1.43
CA ALA A 284 -22.87 16.16 -1.17
C ALA A 284 -24.15 15.45 -0.77
N ALA A 285 -24.26 14.16 -0.98
CA ALA A 285 -25.54 13.42 -0.86
C ALA A 285 -25.89 13.27 0.64
N PRO A 286 -27.15 13.61 1.04
CA PRO A 286 -27.47 13.46 2.48
C PRO A 286 -27.34 12.06 3.03
N ASN A 287 -27.51 11.06 2.19
CA ASN A 287 -27.45 9.66 2.61
C ASN A 287 -26.10 8.97 2.23
N LEU A 288 -25.05 9.79 2.16
CA LEU A 288 -23.65 9.21 2.09
C LEU A 288 -23.47 8.14 3.16
N PRO A 289 -23.07 6.91 2.78
CA PRO A 289 -22.95 5.91 3.87
C PRO A 289 -21.82 6.26 4.84
N SER A 290 -21.95 5.72 6.05
CA SER A 290 -20.82 5.80 6.97
C SER A 290 -19.79 4.72 6.68
N ARG A 291 -18.62 4.90 7.29
CA ARG A 291 -17.51 3.99 7.18
C ARG A 291 -17.88 2.59 7.53
N ASP A 292 -18.73 2.44 8.53
CA ASP A 292 -19.00 1.10 8.99
C ASP A 292 -20.00 0.36 8.11
N GLN A 293 -20.59 1.02 7.10
CA GLN A 293 -21.59 0.33 6.32
C GLN A 293 -20.98 -0.25 5.02
N VAL A 294 -19.76 0.15 4.77
CA VAL A 294 -19.07 -0.19 3.47
C VAL A 294 -17.81 -1.04 3.61
N ALA A 295 -17.45 -1.72 2.52
CA ALA A 295 -16.32 -2.67 2.57
C ALA A 295 -15.18 -2.12 1.70
N LEU A 296 -15.31 -0.86 1.25
CA LEU A 296 -14.27 -0.29 0.35
C LEU A 296 -12.90 -0.25 0.98
N ARG A 297 -11.89 -0.66 0.25
CA ARG A 297 -10.51 -0.55 0.69
C ARG A 297 -9.69 0.34 -0.25
N LEU A 298 -10.26 0.63 -1.44
CA LEU A 298 -9.51 1.41 -2.42
C LEU A 298 -10.52 2.14 -3.26
N ALA A 299 -10.20 3.40 -3.52
CA ALA A 299 -11.07 4.27 -4.36
C ALA A 299 -10.17 4.90 -5.43
N SER A 300 -10.50 4.64 -6.72
CA SER A 300 -9.69 5.14 -7.85
C SER A 300 -10.49 6.24 -8.51
N SER A 301 -9.80 7.28 -9.01
CA SER A 301 -10.48 8.26 -9.86
CA SER A 301 -10.44 8.32 -9.80
C SER A 301 -9.67 8.62 -11.10
N ALA A 302 -10.39 8.87 -12.20
CA ALA A 302 -9.74 9.36 -13.41
C ALA A 302 -10.81 10.03 -14.24
N GLY A 303 -10.33 10.58 -15.37
CA GLY A 303 -11.26 11.19 -16.37
C GLY A 303 -11.09 12.73 -16.38
N GLU A 304 -10.91 13.35 -15.23
CA GLU A 304 -10.72 14.79 -15.10
C GLU A 304 -9.82 14.94 -13.84
N ALA A 305 -9.19 16.11 -13.66
CA ALA A 305 -8.36 16.24 -12.49
C ALA A 305 -9.22 16.18 -11.22
N LEU A 306 -8.72 15.49 -10.17
CA LEU A 306 -9.42 15.42 -8.86
C LEU A 306 -9.07 16.74 -8.09
N PRO A 307 -10.11 17.59 -7.83
CA PRO A 307 -9.76 18.72 -6.94
C PRO A 307 -9.35 18.24 -5.54
N ALA A 308 -8.32 18.84 -4.97
CA ALA A 308 -7.78 18.37 -3.65
C ALA A 308 -8.84 18.31 -2.62
N GLU A 309 -9.75 19.31 -2.59
CA GLU A 309 -10.75 19.31 -1.50
C GLU A 309 -11.67 18.07 -1.54
N ILE A 310 -11.88 17.51 -2.75
CA ILE A 310 -12.78 16.32 -2.85
C ILE A 310 -12.04 15.13 -2.25
N GLY A 311 -10.78 14.95 -2.63
CA GLY A 311 -9.97 13.89 -2.03
C GLY A 311 -9.89 13.98 -0.50
N GLN A 312 -9.61 15.19 -0.02
CA GLN A 312 -9.47 15.46 1.44
C GLN A 312 -10.79 15.16 2.22
N ARG A 313 -11.95 15.59 1.66
CA ARG A 313 -13.24 15.34 2.35
C ARG A 313 -13.57 13.85 2.32
N PHE A 314 -13.22 13.20 1.18
CA PHE A 314 -13.49 11.78 1.13
C PHE A 314 -12.65 11.03 2.22
N GLN A 315 -11.40 11.45 2.32
CA GLN A 315 -10.45 10.76 3.24
C GLN A 315 -10.95 11.04 4.64
N ARG A 316 -11.34 12.29 4.91
CA ARG A 316 -11.89 12.59 6.31
C ARG A 316 -13.13 11.81 6.64
N HIS A 317 -14.05 11.63 5.67
CA HIS A 317 -15.23 10.85 5.94
C HIS A 317 -14.98 9.32 6.07
N PHE A 318 -14.25 8.77 5.07
CA PHE A 318 -14.11 7.29 4.97
C PHE A 318 -12.86 6.71 5.54
N GLY A 319 -11.87 7.56 5.72
CA GLY A 319 -10.51 7.13 6.06
C GLY A 319 -9.87 6.35 4.89
N LEU A 320 -10.32 6.61 3.65
CA LEU A 320 -9.66 6.09 2.43
C LEU A 320 -9.28 7.31 1.62
N ASP A 321 -8.10 7.31 1.01
CA ASP A 321 -7.83 8.32 0.03
C ASP A 321 -8.49 7.99 -1.32
N ILE A 322 -8.62 9.02 -2.15
CA ILE A 322 -8.97 8.79 -3.55
C ILE A 322 -7.66 8.79 -4.36
N VAL A 323 -7.41 7.75 -5.16
CA VAL A 323 -6.13 7.63 -5.90
C VAL A 323 -6.41 8.16 -7.33
N ASP A 324 -5.89 9.37 -7.62
CA ASP A 324 -6.17 10.05 -8.91
C ASP A 324 -5.05 9.65 -9.85
N GLY A 325 -5.40 9.09 -11.05
CA GLY A 325 -4.31 8.81 -12.07
C GLY A 325 -4.94 9.27 -13.41
N ILE A 326 -4.08 9.62 -14.36
CA ILE A 326 -4.48 10.02 -15.69
C ILE A 326 -4.15 8.92 -16.67
N GLY A 327 -5.15 8.56 -17.50
CA GLY A 327 -4.97 7.70 -18.61
C GLY A 327 -5.68 8.29 -19.81
N SER A 328 -5.51 7.64 -20.93
CA SER A 328 -6.27 8.09 -22.11
C SER A 328 -6.70 6.86 -22.93
N THR A 329 -7.67 7.08 -23.83
CA THR A 329 -8.09 5.99 -24.72
C THR A 329 -6.90 5.55 -25.56
N GLU A 330 -6.06 6.55 -25.99
CA GLU A 330 -4.86 6.15 -26.82
C GLU A 330 -3.82 5.31 -26.07
N MET A 331 -3.68 5.55 -24.74
CA MET A 331 -2.72 4.79 -23.93
C MET A 331 -3.37 3.57 -23.24
N LEU A 332 -4.70 3.46 -23.49
CA LEU A 332 -5.56 2.38 -22.93
C LEU A 332 -5.87 2.54 -21.45
N HIS A 333 -4.83 2.78 -20.64
CA HIS A 333 -5.21 3.05 -19.20
C HIS A 333 -4.22 3.99 -18.58
N ILE A 334 -4.04 3.94 -17.26
CA ILE A 334 -3.36 5.04 -16.54
C ILE A 334 -1.86 4.89 -16.59
N PHE A 335 -1.20 6.01 -16.85
CA PHE A 335 0.26 5.91 -16.99
C PHE A 335 0.93 6.90 -16.04
N LEU A 336 0.16 7.68 -15.31
CA LEU A 336 0.78 8.64 -14.36
C LEU A 336 -0.24 8.75 -13.22
N SER A 337 0.19 8.42 -11.99
CA SER A 337 -0.84 8.21 -10.97
C SER A 337 -0.29 8.40 -9.57
N ASN A 338 -1.19 8.79 -8.66
CA ASN A 338 -0.93 8.60 -7.24
C ASN A 338 -0.93 7.09 -6.92
N LEU A 339 -0.46 6.69 -5.73
CA LEU A 339 -0.42 5.27 -5.36
C LEU A 339 -1.35 5.07 -4.16
N PRO A 340 -1.79 3.85 -3.98
CA PRO A 340 -2.71 3.62 -2.88
C PRO A 340 -2.15 4.11 -1.56
N ASP A 341 -0.84 4.01 -1.39
CA ASP A 341 -0.23 4.38 -0.14
C ASP A 341 0.61 5.66 -0.24
N ARG A 342 0.47 6.37 -1.32
CA ARG A 342 1.19 7.63 -1.49
C ARG A 342 0.33 8.52 -2.37
N VAL A 343 -0.44 9.41 -1.75
CA VAL A 343 -1.28 10.35 -2.45
C VAL A 343 -0.77 11.77 -2.16
N ARG A 344 -0.57 12.55 -3.18
CA ARG A 344 -0.43 13.99 -2.98
C ARG A 344 -1.54 14.71 -3.68
N TYR A 345 -2.48 15.23 -2.91
CA TYR A 345 -3.60 15.94 -3.54
C TYR A 345 -3.10 17.26 -4.17
N GLY A 346 -3.80 17.62 -5.24
CA GLY A 346 -3.42 18.70 -6.14
C GLY A 346 -2.36 18.29 -7.14
N THR A 347 -2.01 16.98 -7.23
CA THR A 347 -1.12 16.45 -8.28
C THR A 347 -1.74 15.14 -8.82
N THR A 348 -1.28 14.71 -10.01
CA THR A 348 -1.59 13.34 -10.50
C THR A 348 -0.51 12.31 -10.18
N GLY A 349 0.30 12.61 -9.15
CA GLY A 349 1.31 11.60 -8.67
C GLY A 349 2.49 11.47 -9.65
N TRP A 350 2.89 10.22 -9.83
CA TRP A 350 4.22 9.89 -10.38
C TRP A 350 4.03 8.94 -11.56
N PRO A 351 5.01 8.89 -12.44
CA PRO A 351 4.90 7.97 -13.58
C PRO A 351 4.78 6.50 -13.12
N VAL A 352 3.85 5.78 -13.78
CA VAL A 352 3.62 4.36 -13.50
C VAL A 352 4.79 3.56 -14.06
N PRO A 353 5.48 2.79 -13.20
CA PRO A 353 6.63 2.01 -13.76
C PRO A 353 6.24 1.23 -15.03
N GLY A 354 7.08 1.31 -16.04
CA GLY A 354 6.71 0.73 -17.29
C GLY A 354 6.42 1.79 -18.33
N TYR A 355 6.05 2.98 -17.90
CA TYR A 355 5.76 4.14 -18.79
C TYR A 355 6.80 5.27 -18.63
N GLN A 356 7.22 5.92 -19.70
CA GLN A 356 8.16 7.04 -19.58
C GLN A 356 7.34 8.24 -19.96
N ILE A 357 7.53 9.32 -19.23
CA ILE A 357 6.77 10.54 -19.47
C ILE A 357 7.74 11.66 -19.83
N GLU A 358 7.40 12.51 -20.79
CA GLU A 358 8.21 13.73 -21.10
C GLU A 358 7.34 14.95 -21.13
N LEU A 359 7.80 16.12 -20.67
CA LEU A 359 7.16 17.38 -20.92
C LEU A 359 7.98 18.13 -22.03
N ARG A 360 7.29 18.59 -23.07
CA ARG A 360 8.01 19.36 -24.15
C ARG A 360 7.51 20.79 -24.27
N GLY A 361 8.41 21.75 -24.55
CA GLY A 361 7.96 23.12 -24.73
C GLY A 361 7.56 23.38 -26.17
N ASP A 362 7.47 24.68 -26.44
CA ASP A 362 7.00 25.22 -27.75
C ASP A 362 7.77 24.67 -28.96
N GLY A 363 9.04 24.32 -28.85
CA GLY A 363 9.66 23.57 -29.99
C GLY A 363 9.98 22.11 -29.84
N GLY A 364 9.34 21.46 -28.85
CA GLY A 364 9.81 20.14 -28.53
C GLY A 364 10.98 20.09 -27.55
N GLY A 365 11.41 21.24 -27.04
CA GLY A 365 12.55 21.29 -26.19
C GLY A 365 12.23 20.99 -24.72
N PRO A 366 13.30 20.96 -23.87
CA PRO A 366 13.11 20.55 -22.43
C PRO A 366 12.38 21.66 -21.72
N VAL A 367 11.70 21.34 -20.63
CA VAL A 367 11.05 22.37 -19.81
C VAL A 367 11.55 22.28 -18.36
N ALA A 368 11.97 23.41 -17.80
CA ALA A 368 12.52 23.41 -16.44
C ALA A 368 11.40 22.96 -15.46
N ASP A 369 11.80 22.29 -14.39
CA ASP A 369 10.82 21.97 -13.33
C ASP A 369 10.06 23.20 -12.83
N GLY A 370 8.75 23.08 -12.70
CA GLY A 370 7.91 24.18 -12.32
C GLY A 370 7.32 24.96 -13.48
N GLU A 371 7.78 24.67 -14.69
CA GLU A 371 7.20 25.29 -15.87
C GLU A 371 6.30 24.27 -16.59
N PRO A 372 5.24 24.75 -17.19
CA PRO A 372 4.37 23.78 -17.89
C PRO A 372 4.95 23.31 -19.23
N GLY A 373 4.70 22.08 -19.62
CA GLY A 373 5.09 21.54 -20.92
C GLY A 373 4.04 20.54 -21.40
N ASP A 374 4.02 20.26 -22.70
CA ASP A 374 3.00 19.34 -23.25
C ASP A 374 3.43 17.93 -22.85
N LEU A 375 2.47 17.12 -22.49
CA LEU A 375 2.80 15.77 -22.00
C LEU A 375 2.84 14.73 -23.10
N TYR A 376 3.91 13.93 -23.10
CA TYR A 376 4.06 12.86 -24.06
C TYR A 376 4.34 11.59 -23.29
N ILE A 377 3.89 10.46 -23.82
CA ILE A 377 4.03 9.16 -23.09
C ILE A 377 4.68 8.14 -24.00
N HIS A 378 5.62 7.36 -23.43
CA HIS A 378 6.14 6.23 -24.12
C HIS A 378 5.85 4.98 -23.33
N GLY A 379 5.01 4.08 -23.82
CA GLY A 379 4.86 2.86 -22.98
C GLY A 379 4.21 1.77 -23.79
N PRO A 380 4.03 0.58 -23.22
CA PRO A 380 3.76 -0.62 -24.02
C PRO A 380 2.28 -0.83 -24.34
N SER A 381 1.37 0.06 -23.91
CA SER A 381 -0.06 -0.14 -24.21
C SER A 381 -0.57 0.84 -25.16
N SER A 382 0.28 1.63 -25.83
CA SER A 382 -0.24 2.62 -26.75
C SER A 382 -0.91 2.01 -27.99
N ALA A 383 -2.01 2.65 -28.41
CA ALA A 383 -2.68 2.27 -29.65
C ALA A 383 -1.71 2.40 -30.77
N THR A 384 -2.06 1.71 -31.87
CA THR A 384 -1.17 1.70 -33.05
C THR A 384 -1.45 2.88 -34.02
N MET A 385 -2.69 3.38 -34.02
CA MET A 385 -3.06 4.38 -35.02
C MET A 385 -4.52 4.76 -34.71
N TYR A 386 -5.06 5.74 -35.44
CA TYR A 386 -6.49 5.95 -35.58
C TYR A 386 -6.82 5.34 -36.93
N TRP A 387 -7.74 4.38 -36.94
CA TRP A 387 -8.03 3.66 -38.18
C TRP A 387 -8.52 4.61 -39.26
N GLY A 388 -7.85 4.52 -40.41
CA GLY A 388 -8.26 5.30 -41.58
C GLY A 388 -7.99 6.79 -41.51
N ASN A 389 -7.24 7.27 -40.50
CA ASN A 389 -6.94 8.70 -40.37
C ASN A 389 -5.46 8.87 -40.22
N ARG A 390 -4.77 8.95 -41.36
CA ARG A 390 -3.33 8.95 -41.31
C ARG A 390 -2.78 10.25 -40.77
N ALA A 391 -3.44 11.38 -41.05
CA ALA A 391 -2.93 12.69 -40.60
C ALA A 391 -3.01 12.81 -39.09
N LYS A 392 -4.18 12.45 -38.57
CA LYS A 392 -4.37 12.50 -37.09
C LYS A 392 -3.52 11.50 -36.42
N SER A 393 -3.33 10.33 -37.03
CA SER A 393 -2.38 9.34 -36.50
C SER A 393 -0.97 9.89 -36.40
N ARG A 394 -0.45 10.49 -37.50
CA ARG A 394 0.93 11.11 -37.47
C ARG A 394 1.12 12.14 -36.36
N ASP A 395 0.08 12.94 -36.15
CA ASP A 395 0.11 14.03 -35.14
C ASP A 395 0.20 13.41 -33.70
N THR A 396 -0.50 12.28 -33.43
CA THR A 396 -0.61 11.78 -32.04
C THR A 396 0.45 10.74 -31.77
N PHE A 397 0.73 9.91 -32.76
CA PHE A 397 1.77 8.90 -32.62
C PHE A 397 3.12 9.45 -33.06
N GLN A 398 3.76 10.24 -32.20
CA GLN A 398 5.05 10.82 -32.53
C GLN A 398 5.94 9.79 -33.24
N GLY A 399 6.65 9.01 -32.44
CA GLY A 399 7.51 7.95 -32.93
C GLY A 399 7.88 7.09 -31.74
N GLY A 400 6.92 6.30 -31.28
CA GLY A 400 7.04 5.62 -30.00
C GLY A 400 6.51 6.53 -28.90
N TRP A 401 6.36 7.82 -29.19
CA TRP A 401 5.74 8.74 -28.22
C TRP A 401 4.28 9.00 -28.58
N THR A 402 3.42 9.02 -27.57
CA THR A 402 2.00 9.39 -27.74
C THR A 402 1.74 10.76 -27.13
N LYS A 403 1.23 11.67 -27.95
CA LYS A 403 0.93 13.01 -27.47
C LYS A 403 -0.43 13.03 -26.76
N SER A 404 -0.50 13.49 -25.52
CA SER A 404 -1.78 13.37 -24.79
C SER A 404 -2.73 14.54 -24.99
N GLY A 405 -2.23 15.68 -25.44
CA GLY A 405 -3.16 16.85 -25.49
C GLY A 405 -3.31 17.53 -24.14
N ASP A 406 -2.51 17.11 -23.18
CA ASP A 406 -2.44 17.82 -21.89
C ASP A 406 -1.14 18.60 -21.69
N LYS A 407 -1.21 19.59 -20.80
CA LYS A 407 0.00 20.28 -20.24
C LYS A 407 0.09 19.91 -18.76
N TYR A 408 1.32 19.78 -18.30
CA TYR A 408 1.64 19.39 -16.97
C TYR A 408 2.89 20.15 -16.44
N VAL A 409 3.02 20.23 -15.12
CA VAL A 409 4.20 20.81 -14.45
C VAL A 409 4.77 19.70 -13.61
N ARG A 410 6.07 19.48 -13.69
CA ARG A 410 6.75 18.53 -12.77
C ARG A 410 7.21 19.28 -11.50
N ASN A 411 6.86 18.76 -10.34
CA ASN A 411 7.24 19.31 -9.01
C ASN A 411 8.58 18.76 -8.54
N ASP A 412 9.14 19.38 -7.49
CA ASP A 412 10.43 18.96 -6.87
C ASP A 412 10.44 17.54 -6.28
N ASP A 413 9.28 16.97 -5.93
CA ASP A 413 9.28 15.61 -5.51
C ASP A 413 9.00 14.59 -6.65
N GLY A 414 9.06 15.05 -7.92
CA GLY A 414 8.88 14.11 -9.00
C GLY A 414 7.39 13.94 -9.37
N SER A 415 6.47 14.51 -8.58
CA SER A 415 5.01 14.43 -8.96
C SER A 415 4.74 15.39 -10.09
N TYR A 416 3.58 15.21 -10.72
CA TYR A 416 3.15 16.07 -11.84
C TYR A 416 1.79 16.73 -11.56
N THR A 417 1.66 18.02 -11.86
CA THR A 417 0.42 18.77 -11.55
C THR A 417 -0.19 19.16 -12.87
N TYR A 418 -1.47 18.91 -12.97
CA TYR A 418 -2.21 19.15 -14.23
C TYR A 418 -2.26 20.65 -14.59
N ALA A 419 -2.07 21.00 -15.88
CA ALA A 419 -2.04 22.38 -16.24
C ALA A 419 -2.94 22.66 -17.45
N GLY A 420 -3.90 21.77 -17.74
CA GLY A 420 -4.97 22.08 -18.72
C GLY A 420 -4.67 21.38 -20.03
N ARG A 421 -5.56 21.53 -20.99
CA ARG A 421 -5.39 20.89 -22.29
C ARG A 421 -4.73 21.83 -23.29
N THR A 422 -4.18 21.27 -24.35
CA THR A 422 -3.52 22.09 -25.40
C THR A 422 -4.54 22.34 -26.54
N ASP A 423 -5.76 21.85 -26.34
CA ASP A 423 -6.82 22.02 -27.33
C ASP A 423 -7.97 22.77 -26.69
N ASP A 424 -9.16 22.66 -27.28
CA ASP A 424 -10.29 23.31 -26.69
C ASP A 424 -11.25 22.33 -25.98
N MET A 425 -10.89 21.07 -25.90
CA MET A 425 -11.81 20.09 -25.31
C MET A 425 -11.97 20.27 -23.84
N LEU A 426 -13.15 19.94 -23.32
CA LEU A 426 -13.39 20.03 -21.88
C LEU A 426 -13.89 18.71 -21.33
N LYS A 427 -13.35 18.28 -20.18
CA LYS A 427 -13.77 17.01 -19.65
C LYS A 427 -14.74 17.40 -18.58
N VAL A 428 -15.98 17.02 -18.76
CA VAL A 428 -17.02 17.52 -17.88
C VAL A 428 -17.54 16.20 -17.33
N SER A 429 -17.56 16.10 -16.01
CA SER A 429 -17.91 14.80 -15.45
C SER A 429 -16.95 13.72 -15.87
N GLY A 430 -15.67 14.14 -16.11
CA GLY A 430 -14.59 13.27 -16.62
C GLY A 430 -14.86 12.68 -18.03
N ILE A 431 -15.77 13.25 -18.84
CA ILE A 431 -16.11 12.70 -20.21
C ILE A 431 -15.89 13.85 -21.27
N TYR A 432 -15.40 13.57 -22.49
CA TYR A 432 -15.12 14.68 -23.43
C TYR A 432 -16.39 15.42 -23.86
N VAL A 433 -16.28 16.74 -23.97
CA VAL A 433 -17.36 17.62 -24.40
C VAL A 433 -16.62 18.67 -25.23
N SER A 434 -17.05 18.87 -26.49
CA SER A 434 -16.39 19.84 -27.33
C SER A 434 -17.24 21.10 -27.16
N PRO A 435 -16.60 22.24 -26.81
CA PRO A 435 -17.41 23.48 -26.74
C PRO A 435 -18.04 23.81 -28.12
N PHE A 436 -17.38 23.43 -29.22
CA PHE A 436 -17.89 23.80 -30.52
C PHE A 436 -19.16 23.01 -30.83
N GLU A 437 -19.30 21.80 -30.31
CA GLU A 437 -20.60 21.06 -30.50
C GLU A 437 -21.72 21.85 -29.81
N ILE A 438 -21.44 22.28 -28.58
CA ILE A 438 -22.45 23.02 -27.82
C ILE A 438 -22.81 24.32 -28.57
N GLU A 439 -21.79 25.03 -29.09
CA GLU A 439 -22.06 26.24 -29.87
C GLU A 439 -22.90 26.02 -31.09
N ALA A 440 -22.57 24.96 -31.80
CA ALA A 440 -23.32 24.56 -33.00
C ALA A 440 -24.77 24.24 -32.66
N THR A 441 -25.05 23.69 -31.49
CA THR A 441 -26.44 23.40 -31.13
C THR A 441 -27.16 24.75 -30.81
N LEU A 442 -26.50 25.59 -30.01
CA LEU A 442 -27.11 26.85 -29.62
C LEU A 442 -27.53 27.74 -30.84
N VAL A 443 -26.64 27.86 -31.82
CA VAL A 443 -26.89 28.83 -32.93
C VAL A 443 -27.99 28.26 -33.83
N GLN A 444 -28.41 26.99 -33.65
CA GLN A 444 -29.57 26.58 -34.45
C GLN A 444 -30.93 27.00 -33.83
N HIS A 445 -30.91 27.58 -32.64
CA HIS A 445 -32.09 28.24 -32.11
C HIS A 445 -32.35 29.56 -32.88
N PRO A 446 -33.57 29.75 -33.44
CA PRO A 446 -33.83 30.98 -34.21
C PRO A 446 -33.64 32.33 -33.44
N GLY A 447 -33.67 32.33 -32.12
CA GLY A 447 -33.51 33.54 -31.32
C GLY A 447 -32.08 33.83 -30.96
N VAL A 448 -31.17 32.94 -31.36
CA VAL A 448 -29.74 33.17 -31.08
C VAL A 448 -29.00 33.72 -32.29
N LEU A 449 -28.20 34.75 -32.07
CA LEU A 449 -27.39 35.25 -33.17
C LEU A 449 -26.00 34.57 -33.19
N GLU A 450 -25.29 34.53 -32.03
CA GLU A 450 -23.92 34.01 -31.93
C GLU A 450 -23.83 33.35 -30.57
N ALA A 451 -22.93 32.40 -30.47
CA ALA A 451 -22.64 31.80 -29.14
C ALA A 451 -21.22 31.40 -28.99
N ALA A 452 -20.74 31.48 -27.74
CA ALA A 452 -19.37 31.02 -27.44
C ALA A 452 -19.45 30.21 -26.12
N VAL A 453 -18.79 29.05 -26.09
CA VAL A 453 -18.80 28.21 -24.90
C VAL A 453 -17.39 27.98 -24.42
N VAL A 454 -17.15 28.20 -23.13
CA VAL A 454 -15.86 27.94 -22.54
C VAL A 454 -16.04 27.09 -21.27
N GLY A 455 -14.95 26.55 -20.78
CA GLY A 455 -14.96 25.82 -19.49
C GLY A 455 -14.87 26.79 -18.34
N VAL A 456 -15.63 26.59 -17.29
CA VAL A 456 -15.51 27.38 -16.06
C VAL A 456 -15.50 26.43 -14.89
N ALA A 457 -14.68 26.73 -13.87
CA ALA A 457 -14.65 25.86 -12.66
C ALA A 457 -15.88 26.11 -11.76
N ASP A 458 -16.60 25.08 -11.36
CA ASP A 458 -17.68 25.27 -10.40
C ASP A 458 -17.18 25.47 -8.97
N GLU A 459 -18.06 25.39 -7.99
CA GLU A 459 -17.67 25.71 -6.61
C GLU A 459 -16.78 24.58 -6.02
N HIS A 460 -16.79 23.41 -6.66
CA HIS A 460 -15.90 22.32 -6.27
C HIS A 460 -14.61 22.27 -7.04
N GLY A 461 -14.37 23.27 -7.91
CA GLY A 461 -13.23 23.34 -8.82
C GLY A 461 -13.33 22.39 -10.04
N LEU A 462 -14.52 21.87 -10.32
CA LEU A 462 -14.72 20.97 -11.48
C LEU A 462 -15.13 21.83 -12.73
N THR A 463 -14.54 21.53 -13.91
CA THR A 463 -14.94 22.30 -15.10
C THR A 463 -16.27 21.90 -15.67
N LYS A 464 -17.11 22.94 -15.97
CA LYS A 464 -18.37 22.75 -16.58
C LYS A 464 -18.41 23.74 -17.75
N PRO A 465 -19.27 23.45 -18.73
CA PRO A 465 -19.32 24.46 -19.85
C PRO A 465 -20.08 25.69 -19.37
N LYS A 466 -19.76 26.87 -19.90
CA LYS A 466 -20.51 28.06 -19.67
C LYS A 466 -20.75 28.67 -21.04
N ALA A 467 -21.98 29.10 -21.28
CA ALA A 467 -22.33 29.61 -22.64
C ALA A 467 -22.52 31.14 -22.53
N TYR A 468 -21.94 31.85 -23.50
CA TYR A 468 -22.19 33.30 -23.70
C TYR A 468 -22.94 33.42 -25.01
N VAL A 469 -24.13 33.97 -24.93
CA VAL A 469 -25.02 33.94 -26.06
C VAL A 469 -25.44 35.35 -26.47
N VAL A 470 -25.37 35.69 -27.76
CA VAL A 470 -25.83 37.00 -28.23
C VAL A 470 -27.21 36.74 -28.86
N PRO A 471 -28.28 37.32 -28.29
CA PRO A 471 -29.62 37.02 -28.90
C PRO A 471 -29.78 37.79 -30.22
N ARG A 472 -30.61 37.27 -31.11
CA ARG A 472 -30.87 37.92 -32.39
C ARG A 472 -31.82 39.11 -32.13
N PRO A 473 -31.40 40.33 -32.49
CA PRO A 473 -32.27 41.51 -32.34
C PRO A 473 -33.58 41.21 -33.08
N GLY A 474 -34.68 41.53 -32.42
CA GLY A 474 -36.00 41.37 -33.06
C GLY A 474 -36.69 40.02 -32.80
N GLN A 475 -35.98 39.08 -32.15
CA GLN A 475 -36.61 37.83 -31.63
C GLN A 475 -36.61 37.97 -30.14
N THR A 476 -37.44 37.14 -29.49
CA THR A 476 -37.42 37.00 -28.03
C THR A 476 -36.66 35.69 -27.78
N LEU A 477 -36.19 35.56 -26.57
CA LEU A 477 -35.37 34.44 -26.21
C LEU A 477 -35.19 34.61 -24.72
N SER A 478 -35.75 33.68 -23.93
CA SER A 478 -35.54 33.65 -22.48
C SER A 478 -34.52 32.55 -22.18
N GLU A 479 -33.92 32.61 -20.98
CA GLU A 479 -33.01 31.57 -20.50
C GLU A 479 -33.74 30.23 -20.33
N THR A 480 -35.00 30.28 -19.88
CA THR A 480 -35.79 29.07 -19.73
C THR A 480 -36.01 28.37 -21.09
N GLU A 481 -36.38 29.13 -22.11
CA GLU A 481 -36.65 28.60 -23.45
C GLU A 481 -35.40 27.93 -24.01
N LEU A 482 -34.24 28.54 -23.73
CA LEU A 482 -32.98 27.98 -24.21
C LEU A 482 -32.61 26.69 -23.49
N LYS A 483 -32.84 26.62 -22.16
CA LYS A 483 -32.64 25.38 -21.40
C LYS A 483 -33.53 24.22 -21.95
N THR A 484 -34.80 24.51 -22.24
CA THR A 484 -35.68 23.52 -22.90
C THR A 484 -35.18 23.08 -24.30
N PHE A 485 -34.73 24.06 -25.08
CA PHE A 485 -34.20 23.75 -26.40
C PHE A 485 -33.05 22.76 -26.27
N ILE A 486 -32.14 23.02 -25.37
CA ILE A 486 -31.02 22.08 -25.35
C ILE A 486 -31.19 20.77 -24.60
N LYS A 487 -32.03 20.73 -23.54
CA LYS A 487 -32.25 19.48 -22.76
C LYS A 487 -32.52 18.37 -23.75
N ASP A 488 -33.32 18.76 -24.71
CA ASP A 488 -33.79 17.99 -25.82
C ASP A 488 -32.64 17.45 -26.79
N ARG A 489 -31.50 18.16 -26.89
CA ARG A 489 -30.57 17.98 -28.03
C ARG A 489 -29.15 17.57 -27.63
N LEU A 490 -28.82 17.72 -26.34
CA LEU A 490 -27.47 17.37 -25.82
C LEU A 490 -27.61 16.36 -24.69
N ALA A 491 -26.64 15.44 -24.54
CA ALA A 491 -26.55 14.67 -23.31
C ALA A 491 -26.42 15.56 -22.05
N PRO A 492 -27.02 15.14 -20.91
CA PRO A 492 -27.03 16.04 -19.74
C PRO A 492 -25.64 16.52 -19.27
N TYR A 493 -24.60 15.71 -19.42
CA TYR A 493 -23.26 16.12 -18.93
C TYR A 493 -22.75 17.29 -19.79
N LYS A 494 -23.36 17.49 -20.97
CA LYS A 494 -22.93 18.58 -21.85
C LYS A 494 -23.70 19.87 -21.59
N TYR A 495 -24.70 19.86 -20.71
CA TYR A 495 -25.49 21.07 -20.45
C TYR A 495 -24.62 22.21 -19.85
N PRO A 496 -24.71 23.46 -20.39
CA PRO A 496 -23.97 24.57 -19.79
C PRO A 496 -24.45 24.72 -18.34
N ARG A 497 -23.53 24.95 -17.39
CA ARG A 497 -23.88 25.23 -15.98
C ARG A 497 -24.62 26.58 -15.86
N SER A 498 -24.19 27.56 -16.66
CA SER A 498 -24.89 28.81 -16.81
C SER A 498 -24.77 29.34 -18.24
N THR A 499 -25.71 30.18 -18.61
CA THR A 499 -25.75 30.88 -19.92
C THR A 499 -25.81 32.37 -19.59
N VAL A 500 -24.98 33.19 -20.20
CA VAL A 500 -25.00 34.63 -19.96
C VAL A 500 -25.43 35.27 -21.32
N PHE A 501 -26.50 36.08 -21.32
CA PHE A 501 -26.88 36.79 -22.53
C PHE A 501 -25.99 38.07 -22.56
N VAL A 502 -25.36 38.30 -23.70
CA VAL A 502 -24.46 39.48 -23.85
C VAL A 502 -24.82 40.20 -25.12
N ALA A 503 -24.41 41.45 -25.22
CA ALA A 503 -24.72 42.28 -26.38
C ALA A 503 -23.79 41.99 -27.55
N GLU A 504 -22.58 41.54 -27.25
CA GLU A 504 -21.56 41.23 -28.31
C GLU A 504 -20.45 40.33 -27.70
N LEU A 505 -19.65 39.69 -28.55
CA LEU A 505 -18.60 38.84 -28.05
C LEU A 505 -17.25 39.49 -28.42
N PRO A 506 -16.20 39.26 -27.62
CA PRO A 506 -14.87 39.80 -27.99
C PRO A 506 -14.31 39.03 -29.18
N LYS A 507 -13.87 39.75 -30.22
CA LYS A 507 -13.37 39.15 -31.46
C LYS A 507 -12.12 39.76 -32.00
N THR A 508 -11.37 38.98 -32.79
CA THR A 508 -10.26 39.50 -33.68
C THR A 508 -10.90 40.11 -34.95
N ALA A 509 -10.12 40.70 -35.87
CA ALA A 509 -10.77 41.46 -36.98
C ALA A 509 -11.24 40.48 -38.06
N THR A 510 -10.76 39.27 -37.96
CA THR A 510 -11.12 38.18 -38.77
C THR A 510 -12.49 37.64 -38.28
N GLY A 511 -12.92 38.08 -37.07
CA GLY A 511 -14.18 37.59 -36.46
C GLY A 511 -14.00 36.37 -35.62
N LYS A 512 -12.72 35.98 -35.34
CA LYS A 512 -12.46 34.83 -34.48
C LYS A 512 -12.84 35.21 -33.02
N ILE A 513 -13.62 34.41 -32.33
CA ILE A 513 -13.96 34.81 -30.96
C ILE A 513 -12.76 34.59 -30.07
N GLN A 514 -12.49 35.57 -29.21
CA GLN A 514 -11.36 35.47 -28.25
C GLN A 514 -11.85 34.82 -26.95
N ARG A 515 -11.91 33.50 -27.05
CA ARG A 515 -12.42 32.65 -25.99
C ARG A 515 -11.55 32.80 -24.75
N PHE A 516 -10.32 33.29 -24.92
CA PHE A 516 -9.50 33.45 -23.72
C PHE A 516 -10.00 34.61 -22.86
N LYS A 517 -10.50 35.65 -23.51
CA LYS A 517 -11.08 36.82 -22.84
C LYS A 517 -12.33 36.43 -22.07
N LEU A 518 -13.12 35.48 -22.61
CA LEU A 518 -14.27 34.98 -21.86
C LEU A 518 -13.88 34.19 -20.60
N ARG A 519 -12.80 33.43 -20.68
CA ARG A 519 -12.33 32.73 -19.47
C ARG A 519 -11.72 33.69 -18.48
N GLU A 520 -11.16 34.81 -18.96
CA GLU A 520 -10.67 35.92 -18.07
C GLU A 520 -11.76 36.78 -17.44
N GLY A 521 -13.01 36.47 -17.73
CA GLY A 521 -14.17 37.14 -17.12
C GLY A 521 -14.56 38.48 -17.70
N VAL A 522 -14.12 38.79 -18.93
CA VAL A 522 -14.55 39.99 -19.62
C VAL A 522 -16.10 40.04 -19.94
N VAL B 6 16.51 -6.43 -4.99
CA VAL B 6 17.49 -5.65 -4.18
C VAL B 6 18.94 -6.06 -4.56
N THR B 7 19.80 -5.06 -4.86
CA THR B 7 21.20 -5.31 -5.15
C THR B 7 21.95 -5.72 -3.87
N PRO B 8 22.78 -6.78 -3.93
CA PRO B 8 23.55 -7.07 -2.70
C PRO B 8 24.54 -5.98 -2.42
N PRO B 9 24.92 -5.80 -1.13
CA PRO B 9 25.93 -4.80 -0.85
C PRO B 9 27.30 -5.20 -1.43
N PRO B 10 28.15 -4.18 -1.75
CA PRO B 10 29.53 -4.48 -2.20
C PRO B 10 30.31 -5.27 -1.12
N GLU B 11 31.32 -6.06 -1.54
CA GLU B 11 32.18 -6.76 -0.58
C GLU B 11 32.87 -5.81 0.46
N LYS B 12 33.35 -4.63 0.05
CA LYS B 12 33.93 -3.62 0.92
C LYS B 12 32.74 -2.73 1.33
N PHE B 13 32.31 -2.84 2.60
CA PHE B 13 31.03 -2.17 2.95
C PHE B 13 31.11 -1.88 4.45
N ASN B 14 30.81 -0.63 4.78
CA ASN B 14 30.65 -0.19 6.15
C ASN B 14 29.24 0.34 6.28
N PHE B 15 28.40 -0.29 7.12
CA PHE B 15 26.99 0.10 7.19
C PHE B 15 26.77 1.55 7.66
N ALA B 16 27.53 2.04 8.64
CA ALA B 16 27.35 3.45 9.04
C ALA B 16 27.71 4.37 7.89
N GLU B 17 28.86 4.16 7.24
CA GLU B 17 29.19 5.01 6.09
C GLU B 17 28.07 4.97 5.00
N HIS B 18 27.49 3.80 4.77
CA HIS B 18 26.33 3.68 3.85
C HIS B 18 25.14 4.55 4.22
N LEU B 19 24.76 4.54 5.51
CA LEU B 19 23.68 5.40 5.97
C LEU B 19 24.03 6.87 5.92
N LEU B 20 25.27 7.21 6.29
CA LEU B 20 25.65 8.68 6.13
C LEU B 20 25.65 9.11 4.63
N GLN B 21 26.23 8.30 3.78
CA GLN B 21 26.36 8.65 2.32
C GLN B 21 24.97 8.78 1.75
N THR B 22 24.05 7.87 2.12
CA THR B 22 22.66 7.99 1.71
C THR B 22 22.02 9.35 1.90
N ASN B 23 22.36 10.03 2.99
CA ASN B 23 21.69 11.24 3.41
C ASN B 23 22.47 12.52 3.13
N ARG B 24 23.56 12.40 2.37
CA ARG B 24 24.32 13.59 2.01
C ARG B 24 23.47 14.49 1.07
N VAL B 25 22.43 13.95 0.44
CA VAL B 25 21.53 14.79 -0.31
C VAL B 25 20.54 15.65 0.55
N ARG B 26 20.45 15.35 1.83
CA ARG B 26 19.55 16.11 2.68
C ARG B 26 20.26 16.46 3.98
N PRO B 27 21.28 17.31 3.91
CA PRO B 27 22.03 17.57 5.13
C PRO B 27 21.23 18.37 6.17
N ASP B 28 20.30 19.21 5.73
CA ASP B 28 19.53 20.03 6.66
C ASP B 28 18.17 19.50 7.13
N LYS B 29 17.78 18.33 6.65
CA LYS B 29 16.51 17.69 7.14
C LYS B 29 16.81 17.15 8.54
N THR B 30 15.83 17.23 9.45
CA THR B 30 15.98 16.62 10.76
C THR B 30 16.13 15.10 10.63
N ALA B 31 17.16 14.55 11.25
CA ALA B 31 17.34 13.10 11.22
C ALA B 31 16.64 12.53 12.46
N PHE B 32 16.95 13.11 13.63
CA PHE B 32 16.40 12.59 14.95
C PHE B 32 15.99 13.73 15.81
N VAL B 33 14.85 13.60 16.49
CA VAL B 33 14.46 14.65 17.42
C VAL B 33 13.94 13.96 18.66
N ASP B 34 14.29 14.47 19.82
CA ASP B 34 13.73 13.97 21.10
C ASP B 34 13.17 15.15 21.96
N ASP B 35 12.82 14.88 23.24
CA ASP B 35 12.25 15.94 24.07
C ASP B 35 13.16 17.14 24.20
N ILE B 36 14.44 16.97 23.98
CA ILE B 36 15.32 18.11 24.33
C ILE B 36 16.19 18.58 23.19
N SER B 37 16.43 17.75 22.19
CA SER B 37 17.41 18.12 21.17
C SER B 37 16.98 17.55 19.79
N SER B 38 17.70 17.96 18.76
CA SER B 38 17.47 17.47 17.43
C SER B 38 18.78 17.48 16.69
N LEU B 39 18.89 16.61 15.69
CA LEU B 39 20.07 16.51 14.87
C LEU B 39 19.60 16.46 13.47
N SER B 40 20.09 17.39 12.63
CA SER B 40 19.94 17.20 11.18
C SER B 40 20.83 16.06 10.69
N PHE B 41 20.63 15.66 9.44
CA PHE B 41 21.49 14.62 8.86
C PHE B 41 22.97 15.02 8.90
N ALA B 42 23.22 16.28 8.52
CA ALA B 42 24.63 16.72 8.60
C ALA B 42 25.17 16.81 10.02
N GLN B 43 24.38 17.25 11.00
CA GLN B 43 24.88 17.28 12.41
C GLN B 43 25.09 15.84 12.90
N LEU B 44 24.21 14.92 12.48
CA LEU B 44 24.39 13.52 12.87
C LEU B 44 25.65 12.98 12.28
N GLU B 45 25.91 13.25 11.02
CA GLU B 45 27.14 12.80 10.38
C GLU B 45 28.42 13.28 11.15
N ALA B 46 28.41 14.57 11.48
CA ALA B 46 29.56 15.21 12.17
C ALA B 46 29.75 14.53 13.52
N GLN B 47 28.66 14.39 14.28
CA GLN B 47 28.80 13.80 15.60
C GLN B 47 29.21 12.33 15.59
N THR B 48 28.64 11.59 14.63
CA THR B 48 28.95 10.20 14.41
C THR B 48 30.46 10.02 14.10
N ARG B 49 30.97 10.87 13.19
CA ARG B 49 32.39 10.66 12.81
C ARG B 49 33.33 11.16 13.91
N GLN B 50 32.89 12.13 14.68
CA GLN B 50 33.75 12.61 15.79
C GLN B 50 33.76 11.55 16.87
N LEU B 51 32.59 10.94 17.16
CA LEU B 51 32.52 9.85 18.16
CA LEU B 51 32.60 9.90 18.19
C LEU B 51 33.43 8.70 17.73
N ALA B 52 33.40 8.38 16.46
CA ALA B 52 34.29 7.33 15.89
C ALA B 52 35.76 7.65 16.23
N ALA B 53 36.12 8.93 15.99
CA ALA B 53 37.51 9.38 16.33
C ALA B 53 37.82 9.30 17.83
N ALA B 54 36.87 9.71 18.64
CA ALA B 54 37.00 9.72 20.11
C ALA B 54 37.23 8.28 20.61
N LEU B 55 36.46 7.26 20.10
CA LEU B 55 36.60 5.88 20.53
C LEU B 55 38.00 5.37 20.14
N ARG B 56 38.45 5.72 18.94
CA ARG B 56 39.85 5.36 18.57
C ARG B 56 40.90 6.00 19.45
N ALA B 57 40.66 7.25 19.86
CA ALA B 57 41.64 8.07 20.66
C ALA B 57 41.83 7.45 22.06
N ILE B 58 40.79 6.84 22.61
CA ILE B 58 40.92 6.13 23.89
C ILE B 58 41.36 4.68 23.73
N GLY B 59 41.76 4.29 22.51
CA GLY B 59 42.50 3.05 22.35
C GLY B 59 41.64 1.87 22.00
N VAL B 60 40.36 2.13 21.73
CA VAL B 60 39.49 0.97 21.29
C VAL B 60 39.81 0.62 19.82
N LYS B 61 40.10 -0.64 19.57
CA LYS B 61 40.56 -1.09 18.27
C LYS B 61 39.44 -1.67 17.43
N ARG B 62 39.68 -1.72 16.11
CA ARG B 62 38.78 -2.53 15.25
C ARG B 62 38.49 -3.91 15.83
N GLU B 63 37.21 -4.30 15.73
CA GLU B 63 36.79 -5.64 16.11
C GLU B 63 36.41 -5.70 17.58
N GLU B 64 36.98 -4.79 18.37
CA GLU B 64 36.69 -4.75 19.86
C GLU B 64 35.26 -4.28 20.13
N ARG B 65 34.69 -4.72 21.26
CA ARG B 65 33.32 -4.32 21.61
C ARG B 65 33.23 -3.16 22.54
N VAL B 66 32.13 -2.39 22.42
CA VAL B 66 31.77 -1.39 23.48
C VAL B 66 30.31 -1.67 23.87
N LEU B 67 29.95 -1.45 25.13
CA LEU B 67 28.57 -1.68 25.58
C LEU B 67 27.80 -0.37 25.36
N LEU B 68 26.64 -0.46 24.71
CA LEU B 68 25.81 0.75 24.52
C LEU B 68 24.57 0.50 25.43
N LEU B 69 24.47 1.23 26.53
CA LEU B 69 23.40 1.04 27.53
C LEU B 69 22.77 2.41 27.69
N MET B 70 21.85 2.75 26.78
CA MET B 70 21.37 4.13 26.70
CA MET B 70 21.38 4.13 26.70
C MET B 70 19.91 4.19 26.39
N LEU B 71 19.23 5.15 27.03
CA LEU B 71 17.82 5.39 26.72
C LEU B 71 17.68 5.99 25.32
N ASP B 72 16.50 5.85 24.74
CA ASP B 72 16.31 6.40 23.39
C ASP B 72 16.41 7.93 23.43
N GLY B 73 17.20 8.48 22.52
CA GLY B 73 17.37 9.92 22.34
C GLY B 73 18.46 10.17 21.32
N THR B 74 18.72 11.45 20.95
CA THR B 74 19.62 11.67 19.81
C THR B 74 21.04 11.11 19.98
N ASP B 75 21.55 10.99 21.22
CA ASP B 75 22.92 10.48 21.35
C ASP B 75 23.02 8.96 21.00
N TRP B 76 21.86 8.27 21.04
CA TRP B 76 21.90 6.83 20.80
C TRP B 76 22.36 6.46 19.38
N PRO B 77 21.76 7.04 18.32
CA PRO B 77 22.29 6.67 16.98
C PRO B 77 23.72 7.19 16.75
N VAL B 78 24.07 8.30 17.39
CA VAL B 78 25.50 8.76 17.32
C VAL B 78 26.46 7.73 17.92
N ALA B 79 26.11 7.19 19.11
CA ALA B 79 26.95 6.16 19.67
C ALA B 79 26.98 4.87 18.80
N PHE B 80 25.80 4.42 18.35
CA PHE B 80 25.72 3.20 17.56
C PHE B 80 26.50 3.33 16.23
N LEU B 81 26.14 4.37 15.48
CA LEU B 81 26.78 4.64 14.18
C LEU B 81 28.26 5.00 14.35
N GLY B 82 28.61 5.78 15.38
CA GLY B 82 30.03 6.20 15.58
C GLY B 82 30.93 4.98 15.79
N ALA B 83 30.45 4.07 16.66
CA ALA B 83 31.21 2.78 16.82
C ALA B 83 31.36 2.01 15.50
N ILE B 84 30.26 1.90 14.74
CA ILE B 84 30.30 1.09 13.54
C ILE B 84 31.18 1.76 12.48
N TYR B 85 31.13 3.09 12.43
CA TYR B 85 32.01 3.82 11.43
C TYR B 85 33.48 3.55 11.73
N ALA B 86 33.82 3.51 13.01
CA ALA B 86 35.18 3.13 13.47
C ALA B 86 35.59 1.63 13.30
N GLY B 87 34.63 0.79 12.97
CA GLY B 87 34.87 -0.65 12.90
C GLY B 87 34.90 -1.29 14.29
N ILE B 88 34.33 -0.61 15.25
CA ILE B 88 34.21 -1.11 16.64
C ILE B 88 32.77 -1.65 16.76
N VAL B 89 32.57 -2.66 17.57
CA VAL B 89 31.29 -3.40 17.54
C VAL B 89 30.50 -2.95 18.77
N PRO B 90 29.45 -2.12 18.63
CA PRO B 90 28.65 -1.72 19.80
C PRO B 90 27.77 -2.94 20.14
N VAL B 91 27.52 -3.13 21.45
CA VAL B 91 26.68 -4.19 21.95
C VAL B 91 25.53 -3.46 22.58
N ALA B 92 24.38 -3.48 21.92
CA ALA B 92 23.26 -2.58 22.34
C ALA B 92 22.35 -3.37 23.25
N VAL B 93 22.14 -2.85 24.48
CA VAL B 93 21.41 -3.71 25.46
C VAL B 93 20.23 -3.04 26.09
N ASN B 94 19.29 -3.90 26.56
CA ASN B 94 18.15 -3.48 27.33
C ASN B 94 18.50 -2.62 28.54
N THR B 95 17.74 -1.54 28.71
CA THR B 95 17.95 -0.51 29.75
C THR B 95 17.24 -0.81 31.06
N LEU B 96 16.52 -1.93 31.12
CA LEU B 96 15.72 -2.27 32.30
C LEU B 96 16.29 -3.43 33.11
N LEU B 97 17.57 -3.82 32.85
CA LEU B 97 18.11 -5.03 33.51
C LEU B 97 18.78 -4.69 34.82
N THR B 98 19.17 -5.74 35.52
CA THR B 98 19.85 -5.56 36.82
C THR B 98 21.35 -5.43 36.75
N ALA B 99 21.96 -5.07 37.86
CA ALA B 99 23.44 -4.98 37.86
C ALA B 99 24.04 -6.39 37.57
N ASP B 100 23.35 -7.46 38.05
CA ASP B 100 23.90 -8.78 37.72
C ASP B 100 23.86 -9.13 36.24
N ASP B 101 22.78 -8.72 35.58
CA ASP B 101 22.65 -8.98 34.17
C ASP B 101 23.76 -8.23 33.37
N TYR B 102 23.95 -6.96 33.74
CA TYR B 102 25.00 -6.16 33.08
C TYR B 102 26.45 -6.64 33.39
N ALA B 103 26.64 -7.12 34.62
CA ALA B 103 27.96 -7.63 34.97
C ALA B 103 28.34 -8.76 33.99
N TYR B 104 27.38 -9.63 33.73
CA TYR B 104 27.66 -10.73 32.82
C TYR B 104 27.95 -10.22 31.41
N MET B 105 27.12 -9.29 30.93
CA MET B 105 27.31 -8.80 29.56
C MET B 105 28.69 -8.13 29.42
N LEU B 106 29.15 -7.44 30.48
CA LEU B 106 30.47 -6.78 30.36
C LEU B 106 31.57 -7.90 30.23
N GLU B 107 31.48 -8.96 31.03
CA GLU B 107 32.45 -10.07 31.02
C GLU B 107 32.42 -10.79 29.68
N HIS B 108 31.20 -11.09 29.23
CA HIS B 108 31.04 -11.91 28.04
C HIS B 108 31.48 -11.16 26.78
N SER B 109 31.08 -9.87 26.65
CA SER B 109 31.39 -9.05 25.50
C SER B 109 32.87 -8.62 25.54
N ARG B 110 33.53 -8.67 26.71
CA ARG B 110 34.80 -8.00 26.91
C ARG B 110 34.74 -6.57 26.42
N ALA B 111 33.64 -5.87 26.69
CA ALA B 111 33.52 -4.47 26.29
C ALA B 111 34.70 -3.65 26.82
N GLN B 112 35.25 -2.84 25.93
CA GLN B 112 36.42 -2.00 26.27
C GLN B 112 35.98 -0.63 26.77
N ALA B 113 34.74 -0.24 26.48
CA ALA B 113 34.22 1.06 27.01
C ALA B 113 32.73 0.86 27.09
N VAL B 114 32.09 1.76 27.85
CA VAL B 114 30.62 1.74 28.01
C VAL B 114 30.13 3.16 27.66
N LEU B 115 29.10 3.23 26.83
CA LEU B 115 28.35 4.48 26.56
C LEU B 115 27.01 4.39 27.26
N VAL B 116 26.77 5.25 28.27
CA VAL B 116 25.65 4.97 29.20
C VAL B 116 24.86 6.24 29.42
N SER B 117 23.54 6.12 29.57
CA SER B 117 22.73 7.30 29.96
C SER B 117 22.96 7.58 31.44
N GLY B 118 22.97 8.86 31.85
CA GLY B 118 23.11 9.14 33.27
C GLY B 118 22.11 8.42 34.21
N ALA B 119 20.84 8.30 33.81
CA ALA B 119 19.86 7.62 34.62
C ALA B 119 20.26 6.14 34.87
N LEU B 120 21.10 5.58 33.98
CA LEU B 120 21.51 4.12 34.11
C LEU B 120 22.91 3.99 34.72
N HIS B 121 23.53 5.11 35.04
CA HIS B 121 24.85 5.02 35.62
C HIS B 121 24.90 4.28 36.99
N PRO B 122 23.91 4.44 37.87
CA PRO B 122 24.01 3.68 39.14
C PRO B 122 24.00 2.15 38.93
N VAL B 123 23.12 1.68 38.07
CA VAL B 123 23.09 0.23 37.85
C VAL B 123 24.40 -0.29 37.16
N LEU B 124 24.94 0.55 36.27
CA LEU B 124 26.25 0.23 35.65
C LEU B 124 27.35 0.21 36.72
N LYS B 125 27.41 1.26 37.56
CA LYS B 125 28.48 1.33 38.53
C LYS B 125 28.46 0.06 39.38
N ALA B 126 27.27 -0.40 39.76
CA ALA B 126 27.13 -1.71 40.48
C ALA B 126 27.69 -2.88 39.68
N ALA B 127 27.42 -2.93 38.39
CA ALA B 127 27.88 -4.02 37.58
C ALA B 127 29.38 -3.95 37.46
N LEU B 128 29.93 -2.75 37.26
CA LEU B 128 31.42 -2.63 37.12
C LEU B 128 32.14 -2.99 38.42
N THR B 129 31.50 -2.73 39.55
CA THR B 129 32.17 -3.03 40.86
C THR B 129 32.29 -4.54 41.10
N LYS B 130 31.31 -5.33 40.62
CA LYS B 130 31.25 -6.76 40.98
C LYS B 130 31.86 -7.71 39.90
N SER B 131 32.15 -7.16 38.72
CA SER B 131 32.44 -8.04 37.56
C SER B 131 33.94 -8.09 37.17
N ASP B 132 34.35 -9.13 36.47
CA ASP B 132 35.76 -9.14 35.95
C ASP B 132 35.71 -8.57 34.56
N HIS B 133 35.53 -7.27 34.46
CA HIS B 133 35.31 -6.62 33.20
C HIS B 133 36.66 -6.03 32.71
N GLU B 134 36.62 -5.53 31.47
CA GLU B 134 37.77 -4.89 30.81
C GLU B 134 37.47 -3.45 30.40
N VAL B 135 36.52 -2.76 31.08
CA VAL B 135 36.08 -1.38 30.67
C VAL B 135 37.19 -0.43 31.07
N GLN B 136 37.70 0.32 30.09
CA GLN B 136 38.78 1.28 30.37
C GLN B 136 38.17 2.69 30.59
N ARG B 137 37.07 3.00 29.90
CA ARG B 137 36.42 4.33 29.98
C ARG B 137 34.89 4.20 29.99
N VAL B 138 34.23 5.13 30.69
CA VAL B 138 32.73 5.21 30.69
C VAL B 138 32.34 6.61 30.15
N ILE B 139 31.58 6.65 29.06
CA ILE B 139 31.12 7.90 28.46
C ILE B 139 29.62 8.09 28.85
N VAL B 140 29.32 9.17 29.57
CA VAL B 140 27.99 9.36 30.15
C VAL B 140 27.20 10.42 29.39
N SER B 141 26.12 9.96 28.73
CA SER B 141 25.14 10.85 28.14
C SER B 141 24.13 11.34 29.15
N ARG B 142 24.12 12.66 29.33
CA ARG B 142 23.23 13.32 30.26
C ARG B 142 23.48 12.86 31.69
N PRO B 143 24.69 13.12 32.19
CA PRO B 143 25.02 12.70 33.58
C PRO B 143 24.03 13.25 34.57
N ALA B 144 23.64 12.43 35.58
CA ALA B 144 22.65 12.81 36.59
C ALA B 144 23.30 12.82 37.99
N ALA B 145 24.63 12.78 38.02
CA ALA B 145 25.41 12.75 39.25
C ALA B 145 26.88 13.09 38.84
N PRO B 146 27.68 13.52 39.82
CA PRO B 146 29.07 13.87 39.49
C PRO B 146 29.78 12.71 38.81
N LEU B 147 30.64 13.02 37.85
CA LEU B 147 31.48 11.99 37.16
C LEU B 147 32.64 11.56 38.03
N GLU B 148 32.98 10.30 37.90
CA GLU B 148 34.03 9.61 38.65
C GLU B 148 35.25 9.58 37.71
N PRO B 149 36.41 9.28 38.27
CA PRO B 149 37.61 9.19 37.47
C PRO B 149 37.46 8.19 36.32
N GLY B 150 37.79 8.58 35.10
CA GLY B 150 37.65 7.63 33.94
C GLY B 150 36.36 7.90 33.17
N GLU B 151 35.48 8.68 33.77
CA GLU B 151 34.21 8.96 33.11
C GLU B 151 34.27 10.29 32.43
N VAL B 152 33.56 10.41 31.29
CA VAL B 152 33.53 11.71 30.61
C VAL B 152 32.09 11.97 30.15
N ASP B 153 31.71 13.21 30.08
CA ASP B 153 30.37 13.50 29.52
C ASP B 153 30.40 13.28 28.02
N PHE B 154 29.30 12.75 27.50
CA PHE B 154 29.27 12.36 26.07
C PHE B 154 29.45 13.58 25.16
N ALA B 155 28.77 14.71 25.39
CA ALA B 155 29.00 15.85 24.50
C ALA B 155 30.47 16.32 24.49
N GLU B 156 31.10 16.32 25.67
CA GLU B 156 32.48 16.76 25.83
C GLU B 156 33.32 15.80 25.04
N PHE B 157 33.04 14.47 25.14
CA PHE B 157 33.88 13.45 24.48
C PHE B 157 33.81 13.66 22.93
N VAL B 158 32.58 13.80 22.42
CA VAL B 158 32.35 13.96 21.00
C VAL B 158 33.01 15.28 20.56
N GLY B 159 32.77 16.29 21.35
CA GLY B 159 33.25 17.66 20.98
C GLY B 159 34.74 17.83 21.03
N ALA B 160 35.44 16.89 21.66
CA ALA B 160 36.91 17.01 21.79
C ALA B 160 37.70 16.42 20.62
N HIS B 161 37.00 15.85 19.60
CA HIS B 161 37.71 15.17 18.54
C HIS B 161 37.18 15.62 17.20
N ALA B 162 38.07 15.84 16.26
CA ALA B 162 37.71 16.07 14.88
C ALA B 162 37.12 14.81 14.22
N PRO B 163 36.29 14.97 13.19
CA PRO B 163 35.77 13.73 12.58
C PRO B 163 36.77 12.84 11.97
N LEU B 164 36.59 11.54 12.17
CA LEU B 164 37.42 10.52 11.49
C LEU B 164 37.25 10.74 9.97
N GLU B 165 38.35 10.64 9.21
CA GLU B 165 38.34 11.04 7.79
C GLU B 165 37.67 9.97 6.92
N LYS B 166 37.85 8.71 7.26
CA LYS B 166 37.26 7.62 6.54
C LYS B 166 36.78 6.56 7.56
N PRO B 167 35.78 5.76 7.15
CA PRO B 167 35.38 4.60 8.00
C PRO B 167 36.44 3.51 8.05
N ALA B 168 36.44 2.69 9.09
CA ALA B 168 37.16 1.41 8.97
C ALA B 168 36.81 0.70 7.66
N ALA B 169 37.80 0.04 7.06
CA ALA B 169 37.61 -0.61 5.79
C ALA B 169 37.08 -2.01 5.99
N THR B 170 35.88 -2.09 6.56
CA THR B 170 35.20 -3.36 6.84
C THR B 170 34.64 -4.04 5.63
N GLN B 171 34.45 -5.33 5.71
CA GLN B 171 33.75 -6.07 4.69
C GLN B 171 32.25 -6.28 5.06
N ALA B 172 31.40 -6.45 4.05
CA ALA B 172 29.95 -6.64 4.27
C ALA B 172 29.72 -7.78 5.25
N ASP B 173 30.54 -8.84 5.23
CA ASP B 173 30.26 -9.96 6.15
C ASP B 173 31.02 -9.92 7.50
N ASP B 174 31.70 -8.83 7.77
CA ASP B 174 32.38 -8.68 9.09
C ASP B 174 31.31 -8.31 10.15
N PRO B 175 31.56 -8.71 11.39
CA PRO B 175 30.60 -8.37 12.46
C PRO B 175 30.57 -6.89 12.58
N ALA B 176 29.36 -6.36 12.77
CA ALA B 176 29.16 -4.90 12.87
C ALA B 176 28.64 -4.57 14.29
N PHE B 177 27.77 -5.43 14.85
CA PHE B 177 27.25 -5.11 16.22
C PHE B 177 26.61 -6.36 16.86
N TRP B 178 26.31 -6.33 18.16
CA TRP B 178 25.63 -7.47 18.79
C TRP B 178 24.33 -7.00 19.45
N LEU B 179 23.40 -7.97 19.63
CA LEU B 179 22.26 -7.74 20.52
C LEU B 179 22.22 -8.97 21.38
N TYR B 180 21.61 -8.88 22.58
CA TYR B 180 21.49 -10.12 23.36
C TYR B 180 20.08 -10.70 23.27
N SER B 181 19.99 -12.03 23.23
CA SER B 181 18.69 -12.72 23.21
C SER B 181 18.68 -13.70 24.41
N SER B 182 17.64 -13.65 25.25
CA SER B 182 17.45 -14.62 26.38
C SER B 182 16.75 -15.90 25.97
N GLY B 183 17.09 -17.02 26.67
CA GLY B 183 16.47 -18.31 26.43
C GLY B 183 15.91 -18.81 27.76
N SER B 184 15.33 -20.03 27.79
CA SER B 184 14.57 -20.36 29.05
CA SER B 184 14.59 -20.49 29.02
C SER B 184 15.51 -20.65 30.21
N THR B 185 16.71 -21.12 29.90
CA THR B 185 17.78 -21.28 30.90
C THR B 185 19.09 -20.78 30.31
N GLY B 186 20.05 -20.62 31.17
CA GLY B 186 21.41 -20.23 30.73
C GLY B 186 21.53 -18.74 30.50
N ARG B 187 22.76 -18.37 30.14
CA ARG B 187 23.06 -16.94 30.00
C ARG B 187 22.37 -16.40 28.72
N PRO B 188 22.19 -15.10 28.65
CA PRO B 188 21.67 -14.57 27.39
C PRO B 188 22.73 -14.72 26.28
N LYS B 189 22.28 -14.78 25.01
CA LYS B 189 23.14 -15.20 23.92
C LYS B 189 23.54 -13.95 23.17
N GLY B 190 24.81 -13.81 22.86
CA GLY B 190 25.27 -12.59 22.10
C GLY B 190 25.15 -12.86 20.62
N VAL B 191 24.13 -12.23 20.03
CA VAL B 191 23.78 -12.48 18.64
C VAL B 191 24.63 -11.52 17.79
N VAL B 192 25.44 -12.10 16.94
CA VAL B 192 26.43 -11.30 16.13
C VAL B 192 25.84 -10.96 14.75
N HIS B 193 25.70 -9.65 14.47
CA HIS B 193 25.28 -9.19 13.15
C HIS B 193 26.36 -8.58 12.35
N THR B 194 26.27 -8.78 11.03
CA THR B 194 27.25 -8.19 10.12
C THR B 194 26.82 -6.82 9.60
N HIS B 195 27.73 -6.16 8.85
CA HIS B 195 27.42 -4.88 8.17
C HIS B 195 26.30 -5.07 7.15
N ALA B 196 26.27 -6.25 6.47
CA ALA B 196 25.22 -6.46 5.46
C ALA B 196 23.79 -6.64 6.08
N ASN B 197 23.71 -7.27 7.27
CA ASN B 197 22.35 -7.67 7.80
C ASN B 197 21.35 -6.49 7.88
N PRO B 198 21.76 -5.30 8.43
CA PRO B 198 20.73 -4.25 8.50
C PRO B 198 20.52 -3.56 7.18
N TYR B 199 21.46 -3.75 6.21
CA TYR B 199 21.14 -3.27 4.85
C TYR B 199 19.96 -4.13 4.31
N TRP B 200 20.04 -5.45 4.44
CA TRP B 200 18.97 -6.28 3.92
C TRP B 200 17.64 -6.05 4.59
N THR B 201 17.60 -6.02 5.93
CA THR B 201 16.29 -5.73 6.58
C THR B 201 15.77 -4.38 6.11
N SER B 202 16.61 -3.31 5.97
CA SER B 202 16.07 -2.00 5.69
C SER B 202 15.58 -1.95 4.27
N GLU B 203 16.22 -2.72 3.37
CA GLU B 203 15.71 -2.73 1.94
C GLU B 203 14.51 -3.66 1.79
N LEU B 204 14.62 -4.85 2.32
CA LEU B 204 13.58 -5.81 2.04
C LEU B 204 12.29 -5.51 2.81
N TYR B 205 12.43 -4.99 4.04
CA TYR B 205 11.25 -4.78 4.89
C TYR B 205 10.93 -3.28 4.97
N GLY B 206 11.90 -2.46 5.43
CA GLY B 206 11.67 -0.98 5.57
C GLY B 206 11.20 -0.41 4.26
N ARG B 207 12.03 -0.58 3.22
CA ARG B 207 11.66 -0.01 1.93
C ARG B 207 10.62 -0.83 1.19
N ASN B 208 10.89 -2.13 0.99
CA ASN B 208 10.06 -2.84 -0.04
C ASN B 208 8.79 -3.40 0.49
N THR B 209 8.64 -3.45 1.84
CA THR B 209 7.39 -3.98 2.38
C THR B 209 6.55 -2.86 3.01
N LEU B 210 7.12 -2.09 3.96
CA LEU B 210 6.40 -0.99 4.56
C LEU B 210 6.32 0.25 3.63
N HIS B 211 7.19 0.32 2.61
CA HIS B 211 7.25 1.52 1.74
C HIS B 211 7.43 2.79 2.56
N LEU B 212 8.36 2.76 3.50
CA LEU B 212 8.74 4.02 4.19
C LEU B 212 9.37 5.01 3.21
N ARG B 213 9.12 6.28 3.44
CA ARG B 213 9.63 7.30 2.48
C ARG B 213 10.19 8.50 3.20
N GLU B 214 10.86 9.36 2.40
CA GLU B 214 11.56 10.48 3.01
C GLU B 214 10.68 11.39 3.81
N ASP B 215 9.33 11.57 3.46
CA ASP B 215 8.55 12.52 4.26
C ASP B 215 7.83 11.96 5.52
N ASP B 216 8.17 10.70 5.80
CA ASP B 216 7.63 10.08 6.97
C ASP B 216 8.35 10.64 8.21
N VAL B 217 7.59 10.59 9.30
CA VAL B 217 8.09 10.80 10.67
C VAL B 217 7.84 9.49 11.42
N CYS B 218 8.96 8.80 11.75
CA CYS B 218 8.82 7.46 12.35
C CYS B 218 8.86 7.59 13.85
N PHE B 219 8.00 6.85 14.55
CA PHE B 219 8.07 6.86 16.05
C PHE B 219 7.77 5.40 16.51
N SER B 220 8.75 4.81 17.20
CA SER B 220 8.58 3.42 17.67
C SER B 220 8.51 3.42 19.18
N ALA B 221 7.41 2.86 19.70
CA ALA B 221 7.40 2.63 21.18
C ALA B 221 8.43 1.57 21.58
N ALA B 222 8.77 0.68 20.65
CA ALA B 222 9.88 -0.26 20.89
C ALA B 222 11.21 0.51 20.83
N LYS B 223 11.97 0.39 21.93
CA LYS B 223 13.23 1.12 22.03
C LYS B 223 14.29 0.63 21.03
N LEU B 224 15.33 1.44 20.87
CA LEU B 224 16.33 1.15 19.85
C LEU B 224 17.16 -0.14 20.21
N PHE B 225 17.32 -0.50 21.48
CA PHE B 225 18.04 -1.73 21.73
C PHE B 225 17.28 -2.97 21.31
N PHE B 226 15.96 -2.88 21.09
CA PHE B 226 15.27 -4.12 20.61
C PHE B 226 15.57 -4.22 19.11
N ALA B 227 15.85 -5.43 18.62
CA ALA B 227 15.99 -5.54 17.17
C ALA B 227 14.83 -4.90 16.41
N TYR B 228 13.61 -5.08 16.91
CA TYR B 228 12.47 -4.45 16.22
C TYR B 228 12.67 -2.91 16.15
N GLY B 229 13.03 -2.26 17.27
CA GLY B 229 13.08 -0.80 17.29
C GLY B 229 14.33 -0.30 16.60
N LEU B 230 15.40 -1.11 16.61
CA LEU B 230 16.64 -0.66 15.90
C LEU B 230 16.33 -0.50 14.39
N GLY B 231 15.46 -1.38 13.83
CA GLY B 231 15.08 -1.19 12.39
C GLY B 231 14.11 -0.01 12.33
N ASN B 232 13.06 -0.06 13.13
CA ASN B 232 12.01 0.91 13.00
C ASN B 232 12.41 2.38 13.11
N ALA B 233 13.35 2.68 14.02
CA ALA B 233 13.64 4.05 14.38
C ALA B 233 15.08 4.32 14.13
N LEU B 234 15.82 3.46 13.43
CA LEU B 234 17.23 3.88 13.00
C LEU B 234 17.44 3.42 11.61
N THR B 235 17.58 2.13 11.42
CA THR B 235 18.11 1.73 10.14
C THR B 235 17.07 1.99 9.04
N PHE B 236 15.79 1.69 9.30
CA PHE B 236 14.77 1.99 8.29
C PHE B 236 14.66 3.49 7.89
N PRO B 237 14.46 4.39 8.86
CA PRO B 237 14.22 5.77 8.45
C PRO B 237 15.53 6.33 7.87
N MET B 238 16.73 5.93 8.32
CA MET B 238 17.92 6.56 7.69
CA MET B 238 17.96 6.52 7.71
C MET B 238 18.10 6.00 6.27
N THR B 239 17.52 4.82 5.99
CA THR B 239 17.69 4.25 4.63
C THR B 239 16.93 5.08 3.61
N VAL B 240 15.83 5.69 4.02
CA VAL B 240 14.99 6.46 3.13
C VAL B 240 14.99 7.98 3.36
N GLY B 241 15.75 8.44 4.34
CA GLY B 241 15.76 9.87 4.71
C GLY B 241 14.59 10.34 5.53
N ALA B 242 13.77 9.44 6.17
CA ALA B 242 12.69 9.88 7.03
C ALA B 242 13.28 10.55 8.31
N THR B 243 12.45 11.37 8.92
CA THR B 243 12.70 11.92 10.26
C THR B 243 12.17 11.00 11.38
N THR B 244 12.98 10.85 12.43
CA THR B 244 12.63 9.90 13.49
C THR B 244 12.41 10.71 14.82
N LEU B 245 11.32 10.43 15.49
CA LEU B 245 11.05 10.97 16.79
C LEU B 245 11.49 9.90 17.85
N LEU B 246 12.29 10.29 18.83
CA LEU B 246 12.69 9.38 19.89
C LEU B 246 12.18 9.86 21.23
N MET B 247 11.93 8.91 22.11
CA MET B 247 11.35 9.20 23.41
C MET B 247 12.13 8.42 24.49
N GLY B 248 12.72 9.11 25.52
CA GLY B 248 13.44 8.30 26.55
C GLY B 248 12.54 7.56 27.54
N GLU B 249 11.40 8.15 27.85
CA GLU B 249 10.65 7.63 28.96
C GLU B 249 9.87 6.34 28.55
N ARG B 250 9.35 5.68 29.58
CA ARG B 250 8.59 4.45 29.39
C ARG B 250 7.36 4.77 28.50
N PRO B 251 7.07 3.92 27.48
CA PRO B 251 5.90 4.23 26.66
C PRO B 251 4.65 3.83 27.46
N THR B 252 3.77 4.79 27.65
CA THR B 252 2.48 4.55 28.25
C THR B 252 1.52 5.15 27.22
N PRO B 253 0.21 4.82 27.31
CA PRO B 253 -0.68 5.51 26.34
C PRO B 253 -0.54 7.03 26.37
N ASP B 254 -0.51 7.69 27.57
CA ASP B 254 -0.46 9.16 27.50
C ASP B 254 0.79 9.66 26.81
N ALA B 255 1.92 8.98 27.09
CA ALA B 255 3.17 9.47 26.55
C ALA B 255 3.13 9.36 24.98
N VAL B 256 2.61 8.22 24.52
CA VAL B 256 2.52 7.98 23.03
C VAL B 256 1.56 8.99 22.42
N PHE B 257 0.41 9.21 23.05
CA PHE B 257 -0.59 10.14 22.49
C PHE B 257 -0.05 11.53 22.40
N LYS B 258 0.69 11.94 23.40
CA LYS B 258 1.29 13.29 23.36
C LYS B 258 2.15 13.47 22.10
N ARG B 259 2.96 12.45 21.77
CA ARG B 259 3.77 12.49 20.54
C ARG B 259 2.97 12.36 19.24
N TRP B 260 1.95 11.47 19.21
CA TRP B 260 1.07 11.38 18.02
C TRP B 260 0.41 12.75 17.73
N LEU B 261 0.07 13.47 18.80
CA LEU B 261 -0.57 14.79 18.66
C LEU B 261 0.39 15.93 18.34
N GLY B 262 1.69 15.67 18.23
CA GLY B 262 2.66 16.70 17.83
C GLY B 262 3.12 17.54 19.02
N GLY B 263 2.98 16.99 20.21
CA GLY B 263 3.56 17.56 21.44
C GLY B 263 5.08 17.68 21.56
N VAL B 264 5.86 17.00 20.74
CA VAL B 264 7.33 17.10 20.75
C VAL B 264 7.91 17.47 19.39
N GLY B 265 8.83 18.44 19.38
CA GLY B 265 9.64 18.65 18.16
C GLY B 265 8.98 19.33 16.98
N GLY B 266 7.76 19.79 17.19
CA GLY B 266 6.91 20.35 16.13
C GLY B 266 6.56 19.29 15.06
N VAL B 267 6.59 18.01 15.42
CA VAL B 267 6.39 16.97 14.42
C VAL B 267 5.37 15.92 14.83
N LYS B 268 4.47 15.59 13.89
CA LYS B 268 3.50 14.52 14.12
C LYS B 268 3.93 13.25 13.37
N PRO B 269 4.10 12.12 14.11
CA PRO B 269 4.45 10.84 13.51
C PRO B 269 3.45 10.48 12.41
N THR B 270 3.99 9.94 11.31
CA THR B 270 3.17 9.29 10.31
C THR B 270 3.25 7.77 10.38
N VAL B 271 4.29 7.25 11.04
CA VAL B 271 4.47 5.77 11.10
C VAL B 271 4.73 5.45 12.54
N PHE B 272 3.86 4.57 13.12
CA PHE B 272 4.09 4.19 14.48
C PHE B 272 4.32 2.67 14.53
N TYR B 273 5.12 2.26 15.52
CA TYR B 273 5.45 0.85 15.71
C TYR B 273 5.32 0.53 17.20
N GLY B 274 4.86 -0.67 17.52
CA GLY B 274 4.88 -1.06 18.96
C GLY B 274 4.30 -2.44 19.15
N ALA B 275 4.27 -2.89 20.41
CA ALA B 275 3.77 -4.24 20.71
C ALA B 275 2.25 -4.25 20.82
N PRO B 276 1.62 -5.40 20.52
CA PRO B 276 0.15 -5.58 20.68
C PRO B 276 -0.30 -5.13 22.08
N THR B 277 0.56 -5.34 23.12
CA THR B 277 0.17 -4.93 24.47
C THR B 277 -0.08 -3.43 24.52
N GLY B 278 0.80 -2.66 23.89
CA GLY B 278 0.63 -1.15 23.88
C GLY B 278 -0.62 -0.76 23.12
N TYR B 279 -0.89 -1.41 21.98
CA TYR B 279 -2.12 -1.05 21.20
C TYR B 279 -3.39 -1.37 22.07
N ALA B 280 -3.36 -2.48 22.82
CA ALA B 280 -4.53 -2.79 23.67
C ALA B 280 -4.71 -1.69 24.75
N GLY B 281 -3.63 -1.28 25.41
CA GLY B 281 -3.71 -0.25 26.48
C GLY B 281 -4.15 1.11 25.88
N MET B 282 -3.70 1.43 24.68
CA MET B 282 -4.19 2.65 24.04
C MET B 282 -5.65 2.54 23.69
N LEU B 283 -6.11 1.44 23.10
CA LEU B 283 -7.51 1.33 22.64
C LEU B 283 -8.46 1.39 23.87
N ALA B 284 -7.94 1.03 25.05
CA ALA B 284 -8.79 1.06 26.32
C ALA B 284 -8.75 2.47 26.92
N ALA B 285 -7.85 3.35 26.50
CA ALA B 285 -7.61 4.59 27.20
C ALA B 285 -8.77 5.59 26.95
N PRO B 286 -9.31 6.16 28.01
CA PRO B 286 -10.48 7.07 27.73
C PRO B 286 -10.12 8.35 26.93
N ASN B 287 -8.86 8.73 26.93
CA ASN B 287 -8.33 9.84 26.14
C ASN B 287 -7.70 9.39 24.78
N LEU B 288 -8.07 8.21 24.29
CA LEU B 288 -7.65 7.81 22.92
C LEU B 288 -7.93 8.98 21.92
N PRO B 289 -6.90 9.46 21.19
CA PRO B 289 -7.13 10.53 20.17
C PRO B 289 -8.12 10.14 19.11
N SER B 290 -8.81 11.14 18.53
CA SER B 290 -9.66 10.79 17.39
C SER B 290 -8.89 10.81 16.09
N ARG B 291 -9.45 10.23 15.03
CA ARG B 291 -8.67 10.12 13.78
C ARG B 291 -8.27 11.48 13.20
N ASP B 292 -9.09 12.51 13.35
CA ASP B 292 -8.69 13.83 12.82
C ASP B 292 -7.60 14.54 13.62
N GLN B 293 -7.19 14.01 14.79
CA GLN B 293 -6.12 14.64 15.56
C GLN B 293 -4.69 14.07 15.29
N VAL B 294 -4.61 13.02 14.48
CA VAL B 294 -3.30 12.31 14.25
C VAL B 294 -2.93 12.36 12.79
N ALA B 295 -1.66 12.12 12.49
CA ALA B 295 -1.22 12.09 11.08
C ALA B 295 -0.77 10.68 10.68
N LEU B 296 -1.10 9.69 11.52
CA LEU B 296 -0.65 8.32 11.22
C LEU B 296 -1.14 7.83 9.88
N ARG B 297 -0.25 7.27 9.12
CA ARG B 297 -0.61 6.53 7.91
C ARG B 297 -0.35 5.05 7.94
N LEU B 298 0.45 4.62 8.91
CA LEU B 298 0.87 3.22 9.00
C LEU B 298 1.14 2.84 10.42
N ALA B 299 0.61 1.66 10.84
CA ALA B 299 0.84 1.27 12.23
C ALA B 299 1.35 -0.19 12.12
N SER B 300 2.53 -0.43 12.68
CA SER B 300 3.22 -1.73 12.67
C SER B 300 3.19 -2.31 14.05
N SER B 301 3.12 -3.64 14.14
CA SER B 301 3.13 -4.35 15.40
CA SER B 301 3.19 -4.34 15.45
C SER B 301 4.04 -5.57 15.28
N ALA B 302 4.82 -5.84 16.31
CA ALA B 302 5.60 -7.11 16.38
C ALA B 302 5.94 -7.36 17.84
N GLY B 303 6.57 -8.52 18.09
CA GLY B 303 7.18 -8.86 19.37
C GLY B 303 6.29 -9.92 20.06
N GLU B 304 5.00 -9.98 19.70
CA GLU B 304 4.07 -11.02 20.20
C GLU B 304 2.94 -11.03 19.20
N ALA B 305 2.10 -12.08 19.24
CA ALA B 305 1.07 -12.16 18.21
C ALA B 305 -0.03 -11.09 18.47
N LEU B 306 -0.52 -10.45 17.41
CA LEU B 306 -1.59 -9.45 17.56
C LEU B 306 -2.98 -10.21 17.62
N PRO B 307 -3.72 -10.11 18.74
CA PRO B 307 -5.07 -10.70 18.76
C PRO B 307 -5.89 -9.94 17.64
N ALA B 308 -6.63 -10.74 16.88
CA ALA B 308 -7.45 -10.15 15.80
C ALA B 308 -8.34 -9.01 16.32
N GLU B 309 -8.96 -9.12 17.51
CA GLU B 309 -9.85 -8.08 18.02
C GLU B 309 -9.16 -6.74 18.23
N ILE B 310 -7.86 -6.79 18.58
CA ILE B 310 -7.12 -5.54 18.76
C ILE B 310 -6.96 -4.80 17.41
N GLY B 311 -6.52 -5.57 16.40
CA GLY B 311 -6.43 -4.99 15.02
C GLY B 311 -7.75 -4.43 14.51
N GLN B 312 -8.81 -5.23 14.64
CA GLN B 312 -10.17 -4.84 14.22
C GLN B 312 -10.63 -3.62 14.93
N ARG B 313 -10.41 -3.52 16.25
CA ARG B 313 -10.80 -2.31 17.00
C ARG B 313 -10.03 -1.07 16.55
N PHE B 314 -8.71 -1.23 16.34
CA PHE B 314 -7.89 -0.15 15.91
C PHE B 314 -8.38 0.33 14.53
N GLN B 315 -8.63 -0.61 13.62
CA GLN B 315 -9.07 -0.23 12.28
C GLN B 315 -10.45 0.50 12.37
N ARG B 316 -11.37 -0.04 13.18
CA ARG B 316 -12.68 0.66 13.36
C ARG B 316 -12.50 2.09 13.84
N HIS B 317 -11.54 2.34 14.75
CA HIS B 317 -11.38 3.67 15.31
C HIS B 317 -10.66 4.65 14.40
N PHE B 318 -9.54 4.21 13.87
CA PHE B 318 -8.66 5.07 13.12
C PHE B 318 -8.80 5.01 11.60
N GLY B 319 -9.41 3.96 11.11
CA GLY B 319 -9.41 3.75 9.65
C GLY B 319 -8.05 3.29 9.16
N LEU B 320 -7.22 2.79 10.07
CA LEU B 320 -5.91 2.20 9.70
C LEU B 320 -5.84 0.81 10.23
N ASP B 321 -5.23 -0.08 9.47
CA ASP B 321 -4.99 -1.44 9.99
C ASP B 321 -3.74 -1.46 10.85
N ILE B 322 -3.60 -2.47 11.70
CA ILE B 322 -2.29 -2.66 12.36
C ILE B 322 -1.63 -3.77 11.52
N VAL B 323 -0.39 -3.53 11.07
CA VAL B 323 0.34 -4.47 10.22
C VAL B 323 1.26 -5.37 11.12
N ASP B 324 0.80 -6.60 11.39
CA ASP B 324 1.53 -7.57 12.30
C ASP B 324 2.56 -8.33 11.49
N GLY B 325 3.83 -8.26 11.90
CA GLY B 325 4.81 -9.12 11.33
C GLY B 325 5.68 -9.72 12.42
N ILE B 326 6.27 -10.90 12.13
CA ILE B 326 7.20 -11.56 13.05
C ILE B 326 8.64 -11.41 12.58
N GLY B 327 9.50 -10.99 13.54
CA GLY B 327 10.90 -10.97 13.39
C GLY B 327 11.59 -11.61 14.58
N SER B 328 12.94 -11.69 14.54
CA SER B 328 13.65 -12.16 15.74
C SER B 328 14.94 -11.44 15.81
N THR B 329 15.57 -11.48 16.99
CA THR B 329 16.92 -10.95 17.10
C THR B 329 17.87 -11.65 16.10
N GLU B 330 17.73 -12.98 16.01
CA GLU B 330 18.63 -13.78 15.20
C GLU B 330 18.45 -13.41 13.72
N MET B 331 17.22 -13.13 13.25
CA MET B 331 17.04 -12.74 11.80
C MET B 331 17.09 -11.21 11.58
N LEU B 332 17.36 -10.51 12.68
CA LEU B 332 17.46 -9.00 12.79
C LEU B 332 16.16 -8.22 12.64
N HIS B 333 15.28 -8.57 11.69
CA HIS B 333 13.98 -7.92 11.62
C HIS B 333 12.95 -8.86 10.96
N ILE B 334 11.85 -8.29 10.46
CA ILE B 334 10.65 -9.09 10.12
C ILE B 334 10.84 -9.87 8.83
N PHE B 335 10.44 -11.15 8.85
CA PHE B 335 10.66 -12.02 7.64
C PHE B 335 9.33 -12.63 7.21
N LEU B 336 8.26 -12.45 8.02
CA LEU B 336 6.92 -12.99 7.67
C LEU B 336 5.93 -11.94 8.18
N SER B 337 5.11 -11.39 7.27
CA SER B 337 4.37 -10.15 7.64
C SER B 337 3.13 -9.98 6.82
N ASN B 338 2.11 -9.40 7.49
CA ASN B 338 1.03 -8.80 6.73
C ASN B 338 1.58 -7.57 5.98
N LEU B 339 0.86 -7.08 4.95
CA LEU B 339 1.28 -5.94 4.23
C LEU B 339 0.39 -4.73 4.55
N PRO B 340 0.91 -3.53 4.25
CA PRO B 340 0.14 -2.31 4.56
C PRO B 340 -1.22 -2.34 3.84
N ASP B 341 -1.29 -2.92 2.63
CA ASP B 341 -2.61 -3.00 1.97
C ASP B 341 -3.24 -4.39 1.94
N ARG B 342 -2.69 -5.34 2.71
CA ARG B 342 -3.28 -6.66 2.73
C ARG B 342 -2.99 -7.26 4.08
N VAL B 343 -4.02 -7.18 4.94
CA VAL B 343 -3.89 -7.64 6.29
C VAL B 343 -4.92 -8.72 6.48
N ARG B 344 -4.49 -9.82 7.10
CA ARG B 344 -5.46 -10.83 7.56
C ARG B 344 -5.29 -11.03 9.04
N TYR B 345 -6.17 -10.43 9.84
CA TYR B 345 -6.09 -10.58 11.28
C TYR B 345 -6.27 -12.05 11.66
N GLY B 346 -5.58 -12.43 12.73
CA GLY B 346 -5.55 -13.86 13.06
C GLY B 346 -4.34 -14.55 12.42
N THR B 347 -3.58 -13.82 11.60
CA THR B 347 -2.41 -14.45 10.96
C THR B 347 -1.25 -13.47 10.98
N THR B 348 -0.05 -13.95 10.68
CA THR B 348 1.12 -13.06 10.60
C THR B 348 1.44 -12.89 9.13
N GLY B 349 0.42 -13.10 8.29
CA GLY B 349 0.63 -12.78 6.91
C GLY B 349 1.48 -13.72 6.06
N TRP B 350 2.33 -13.14 5.20
CA TRP B 350 3.04 -13.92 4.10
C TRP B 350 4.56 -13.72 4.24
N PRO B 351 5.37 -14.66 3.67
CA PRO B 351 6.82 -14.49 3.68
C PRO B 351 7.18 -13.19 3.05
N VAL B 352 8.14 -12.50 3.64
CA VAL B 352 8.65 -11.23 3.09
C VAL B 352 9.61 -11.62 1.90
N PRO B 353 9.33 -11.08 0.68
CA PRO B 353 10.22 -11.41 -0.45
C PRO B 353 11.71 -11.22 -0.06
N GLY B 354 12.54 -12.24 -0.39
CA GLY B 354 13.97 -12.21 0.01
C GLY B 354 14.18 -13.19 1.15
N TYR B 355 13.09 -13.63 1.83
CA TYR B 355 13.19 -14.68 2.90
C TYR B 355 12.41 -15.92 2.48
N GLN B 356 12.94 -17.09 2.80
CA GLN B 356 12.20 -18.34 2.60
C GLN B 356 11.87 -18.92 3.94
N ILE B 357 10.68 -19.47 4.05
CA ILE B 357 10.14 -20.00 5.29
C ILE B 357 9.92 -21.50 5.13
N GLU B 358 10.17 -22.33 6.14
CA GLU B 358 9.83 -23.78 6.05
C GLU B 358 9.24 -24.16 7.35
N LEU B 359 8.22 -25.02 7.34
CA LEU B 359 7.74 -25.65 8.51
C LEU B 359 8.22 -27.13 8.55
N ARG B 360 8.62 -27.62 9.70
CA ARG B 360 9.16 -29.00 9.78
C ARG B 360 8.51 -29.72 10.97
N GLY B 361 8.14 -30.99 10.77
CA GLY B 361 7.49 -31.76 11.81
C GLY B 361 8.52 -32.52 12.63
N ASP B 362 8.05 -33.38 13.57
CA ASP B 362 9.01 -34.13 14.49
C ASP B 362 10.23 -34.85 13.79
N GLY B 363 10.05 -35.43 12.60
CA GLY B 363 11.19 -36.05 11.95
C GLY B 363 12.02 -35.17 11.03
N GLY B 364 11.77 -33.83 11.08
CA GLY B 364 12.46 -32.88 10.19
C GLY B 364 11.79 -32.73 8.83
N GLY B 365 10.71 -33.49 8.63
CA GLY B 365 10.01 -33.51 7.32
C GLY B 365 8.91 -32.42 7.23
N PRO B 366 8.24 -32.32 6.06
CA PRO B 366 7.23 -31.32 5.88
C PRO B 366 5.95 -31.67 6.59
N VAL B 367 5.10 -30.64 6.75
CA VAL B 367 3.84 -30.77 7.48
C VAL B 367 2.73 -30.36 6.52
N ALA B 368 1.53 -30.92 6.71
CA ALA B 368 0.39 -30.67 5.82
C ALA B 368 -0.09 -29.29 6.10
N ASP B 369 -0.68 -28.66 5.10
CA ASP B 369 -1.27 -27.32 5.38
C ASP B 369 -2.34 -27.46 6.41
N GLY B 370 -2.44 -26.50 7.36
CA GLY B 370 -3.35 -26.58 8.49
C GLY B 370 -2.80 -27.27 9.69
N GLU B 371 -1.67 -27.97 9.54
CA GLU B 371 -1.01 -28.57 10.70
C GLU B 371 0.23 -27.76 11.15
N PRO B 372 0.51 -27.76 12.44
CA PRO B 372 1.63 -26.95 12.97
C PRO B 372 2.96 -27.62 12.67
N GLY B 373 3.96 -26.81 12.34
CA GLY B 373 5.32 -27.26 12.18
C GLY B 373 6.30 -26.24 12.81
N ASP B 374 7.49 -26.69 13.15
CA ASP B 374 8.49 -25.81 13.67
C ASP B 374 9.00 -24.87 12.59
N LEU B 375 9.09 -23.57 12.88
CA LEU B 375 9.48 -22.60 11.85
C LEU B 375 10.99 -22.43 11.67
N TYR B 376 11.43 -22.49 10.41
CA TYR B 376 12.85 -22.23 10.04
C TYR B 376 12.87 -21.17 8.95
N ILE B 377 13.87 -20.26 9.02
CA ILE B 377 13.95 -19.10 8.06
C ILE B 377 15.30 -19.16 7.33
N HIS B 378 15.24 -18.95 6.03
CA HIS B 378 16.47 -18.77 5.22
C HIS B 378 16.45 -17.35 4.67
N GLY B 379 17.36 -16.49 5.12
CA GLY B 379 17.35 -15.14 4.52
C GLY B 379 18.61 -14.40 4.76
N PRO B 380 18.79 -13.26 4.11
CA PRO B 380 20.15 -12.69 4.04
C PRO B 380 20.55 -11.87 5.27
N SER B 381 19.64 -11.72 6.24
CA SER B 381 19.91 -10.89 7.44
C SER B 381 20.23 -11.75 8.68
N SER B 382 20.34 -13.08 8.51
CA SER B 382 20.61 -13.98 9.66
C SER B 382 21.93 -13.63 10.36
N ALA B 383 21.90 -13.66 11.70
CA ALA B 383 23.17 -13.59 12.47
C ALA B 383 24.07 -14.73 12.09
N THR B 384 25.38 -14.55 12.38
CA THR B 384 26.34 -15.60 12.08
C THR B 384 26.47 -16.70 13.19
N MET B 385 26.19 -16.35 14.44
CA MET B 385 26.50 -17.27 15.58
C MET B 385 25.99 -16.52 16.80
N TYR B 386 25.98 -17.28 17.93
CA TYR B 386 25.99 -16.75 19.28
C TYR B 386 27.43 -16.77 19.73
N TRP B 387 27.93 -15.60 20.09
CA TRP B 387 29.36 -15.47 20.37
C TRP B 387 29.74 -16.32 21.55
N GLY B 388 30.81 -17.13 21.37
CA GLY B 388 31.24 -17.94 22.52
C GLY B 388 30.37 -19.13 22.89
N ASN B 389 29.33 -19.48 22.10
CA ASN B 389 28.46 -20.63 22.43
C ASN B 389 28.26 -21.48 21.19
N ARG B 390 29.16 -22.46 20.99
CA ARG B 390 29.17 -23.20 19.74
C ARG B 390 27.99 -24.19 19.74
N ALA B 391 27.56 -24.71 20.90
CA ALA B 391 26.48 -25.75 21.00
C ALA B 391 25.17 -25.13 20.61
N LYS B 392 24.87 -23.98 21.22
CA LYS B 392 23.64 -23.29 20.84
C LYS B 392 23.67 -22.72 19.44
N SER B 393 24.82 -22.23 18.96
CA SER B 393 24.95 -21.77 17.58
C SER B 393 24.62 -22.87 16.60
N ARG B 394 25.12 -24.08 16.91
CA ARG B 394 24.87 -25.25 16.02
C ARG B 394 23.45 -25.72 15.99
N ASP B 395 22.75 -25.62 17.10
CA ASP B 395 21.37 -25.97 17.19
C ASP B 395 20.49 -24.92 16.53
N THR B 396 20.94 -23.68 16.46
CA THR B 396 20.13 -22.60 15.87
C THR B 396 20.39 -22.31 14.38
N PHE B 397 21.65 -22.22 14.00
CA PHE B 397 22.06 -21.81 12.68
C PHE B 397 22.60 -23.03 11.94
N GLN B 398 21.75 -23.64 11.13
CA GLN B 398 21.99 -24.99 10.62
C GLN B 398 22.05 -24.86 9.09
N GLY B 399 23.25 -24.78 8.53
CA GLY B 399 23.42 -24.77 7.08
C GLY B 399 22.50 -23.83 6.33
N GLY B 400 22.50 -22.54 6.72
CA GLY B 400 21.74 -21.55 6.01
C GLY B 400 20.33 -21.31 6.53
N TRP B 401 19.81 -22.24 7.31
CA TRP B 401 18.50 -22.13 7.95
C TRP B 401 18.66 -21.68 9.39
N THR B 402 17.76 -20.82 9.86
CA THR B 402 17.77 -20.41 11.22
C THR B 402 16.52 -20.90 11.88
N LYS B 403 16.69 -21.68 12.93
CA LYS B 403 15.61 -22.18 13.73
C LYS B 403 15.00 -21.07 14.63
N SER B 404 13.70 -20.77 14.47
CA SER B 404 13.09 -19.72 15.30
C SER B 404 12.63 -20.10 16.73
N GLY B 405 12.34 -21.35 17.04
CA GLY B 405 11.68 -21.47 18.39
C GLY B 405 10.15 -21.28 18.39
N ASP B 406 9.61 -21.05 17.21
CA ASP B 406 8.15 -20.98 17.03
C ASP B 406 7.58 -22.18 16.24
N LYS B 407 6.31 -22.43 16.49
CA LYS B 407 5.46 -23.29 15.63
C LYS B 407 4.52 -22.39 14.90
N TYR B 408 4.25 -22.74 13.65
CA TYR B 408 3.27 -22.04 12.84
C TYR B 408 2.45 -23.04 11.96
N VAL B 409 1.31 -22.60 11.49
CA VAL B 409 0.45 -23.31 10.53
C VAL B 409 0.35 -22.44 9.26
N ARG B 410 0.54 -23.07 8.09
CA ARG B 410 0.31 -22.46 6.81
C ARG B 410 -1.14 -22.66 6.41
N ASN B 411 -1.79 -21.58 6.01
CA ASN B 411 -3.21 -21.60 5.68
C ASN B 411 -3.33 -21.70 4.15
N ASP B 412 -4.57 -21.93 3.69
CA ASP B 412 -4.82 -22.19 2.29
C ASP B 412 -4.51 -21.02 1.39
N ASP B 413 -4.63 -19.78 1.91
CA ASP B 413 -4.20 -18.61 1.10
C ASP B 413 -2.66 -18.28 1.18
N GLY B 414 -1.86 -19.20 1.69
CA GLY B 414 -0.46 -18.92 1.85
C GLY B 414 -0.06 -18.10 3.10
N SER B 415 -1.03 -17.61 3.87
CA SER B 415 -0.67 -16.89 5.12
C SER B 415 -0.26 -17.93 6.17
N TYR B 416 0.31 -17.44 7.26
CA TYR B 416 0.86 -18.28 8.35
C TYR B 416 0.29 -17.83 9.66
N THR B 417 -0.21 -18.77 10.47
CA THR B 417 -0.84 -18.44 11.74
C THR B 417 0.01 -18.99 12.88
N TYR B 418 0.32 -18.14 13.87
CA TYR B 418 1.22 -18.53 14.95
C TYR B 418 0.60 -19.68 15.78
N ALA B 419 1.43 -20.66 16.15
CA ALA B 419 0.95 -21.80 16.92
C ALA B 419 1.72 -22.05 18.22
N GLY B 420 2.49 -21.07 18.70
CA GLY B 420 3.15 -21.16 20.05
C GLY B 420 4.66 -21.28 19.90
N ARG B 421 5.33 -21.39 21.01
CA ARG B 421 6.72 -21.63 21.00
C ARG B 421 6.98 -23.11 21.22
N THR B 422 8.16 -23.47 20.82
CA THR B 422 8.69 -24.81 20.93
C THR B 422 9.42 -24.94 22.27
N ASP B 423 9.56 -23.83 22.97
CA ASP B 423 10.29 -23.90 24.24
C ASP B 423 9.32 -23.28 25.26
N ASP B 424 9.80 -22.98 26.44
CA ASP B 424 8.88 -22.47 27.43
C ASP B 424 8.91 -20.93 27.53
N MET B 425 9.55 -20.26 26.57
CA MET B 425 9.71 -18.78 26.73
C MET B 425 8.39 -18.08 26.57
N LEU B 426 8.40 -16.97 27.25
CA LEU B 426 7.27 -16.09 27.10
C LEU B 426 7.64 -14.79 26.44
N LYS B 427 6.67 -14.13 25.67
CA LYS B 427 6.91 -12.75 25.18
C LYS B 427 5.89 -11.94 25.91
N VAL B 428 6.34 -11.15 26.83
CA VAL B 428 5.45 -10.35 27.68
C VAL B 428 5.61 -8.90 27.22
N SER B 429 4.52 -8.37 26.67
CA SER B 429 4.62 -7.04 25.99
C SER B 429 5.74 -7.04 24.89
N GLY B 430 5.92 -8.20 24.23
CA GLY B 430 6.98 -8.38 23.20
C GLY B 430 8.41 -8.60 23.63
N ILE B 431 8.64 -8.76 24.95
CA ILE B 431 9.95 -8.93 25.52
C ILE B 431 10.07 -10.34 26.07
N TYR B 432 11.22 -10.99 25.80
CA TYR B 432 11.48 -12.35 26.42
C TYR B 432 11.40 -12.32 27.93
N VAL B 433 10.62 -13.27 28.44
CA VAL B 433 10.61 -13.50 29.91
C VAL B 433 10.71 -15.02 30.04
N SER B 434 11.64 -15.51 30.87
CA SER B 434 11.65 -16.95 31.15
C SER B 434 10.82 -17.26 32.41
N PRO B 435 9.88 -18.20 32.34
CA PRO B 435 9.11 -18.52 33.51
C PRO B 435 9.96 -19.24 34.57
N PHE B 436 11.03 -19.90 34.14
CA PHE B 436 11.92 -20.64 35.01
C PHE B 436 12.70 -19.67 35.88
N GLU B 437 13.08 -18.53 35.30
CA GLU B 437 13.77 -17.52 36.08
C GLU B 437 12.86 -16.93 37.16
N ILE B 438 11.61 -16.65 36.79
CA ILE B 438 10.65 -16.18 37.76
C ILE B 438 10.42 -17.18 38.89
N GLU B 439 10.18 -18.45 38.52
CA GLU B 439 9.98 -19.50 39.52
C GLU B 439 11.17 -19.61 40.48
N ALA B 440 12.37 -19.65 39.91
CA ALA B 440 13.59 -19.79 40.71
C ALA B 440 13.82 -18.62 41.68
N THR B 441 13.31 -17.42 41.34
CA THR B 441 13.25 -16.30 42.23
C THR B 441 12.21 -16.38 43.32
N LEU B 442 10.96 -16.72 42.97
CA LEU B 442 9.93 -16.87 44.00
C LEU B 442 10.26 -17.87 45.10
N VAL B 443 10.91 -19.00 44.74
CA VAL B 443 11.26 -20.00 45.78
C VAL B 443 12.30 -19.51 46.80
N GLN B 444 12.96 -18.39 46.52
CA GLN B 444 13.86 -17.82 47.52
C GLN B 444 13.12 -17.02 48.57
N HIS B 445 11.82 -16.76 48.35
CA HIS B 445 11.04 -16.08 49.38
C HIS B 445 10.83 -17.04 50.54
N PRO B 446 11.08 -16.58 51.81
CA PRO B 446 11.13 -17.54 52.91
C PRO B 446 9.76 -18.20 53.19
N GLY B 447 8.69 -17.57 52.72
CA GLY B 447 7.33 -18.13 52.87
C GLY B 447 6.90 -19.18 51.80
N VAL B 448 7.75 -19.40 50.78
CA VAL B 448 7.28 -20.19 49.61
C VAL B 448 7.91 -21.57 49.69
N LEU B 449 7.11 -22.63 49.55
CA LEU B 449 7.59 -24.02 49.45
C LEU B 449 7.95 -24.46 48.00
N GLU B 450 7.02 -24.19 47.05
CA GLU B 450 7.22 -24.50 45.62
C GLU B 450 6.49 -23.41 44.86
N ALA B 451 6.91 -23.28 43.63
CA ALA B 451 6.33 -22.25 42.73
C ALA B 451 6.49 -22.77 41.29
N ALA B 452 5.48 -22.52 40.46
CA ALA B 452 5.53 -22.81 39.01
C ALA B 452 4.92 -21.53 38.34
N VAL B 453 5.54 -21.13 37.26
CA VAL B 453 5.08 -20.00 36.48
C VAL B 453 4.83 -20.42 35.06
N VAL B 454 3.66 -19.96 34.55
CA VAL B 454 3.23 -20.27 33.16
C VAL B 454 2.73 -19.00 32.53
N GLY B 455 2.65 -19.04 31.20
CA GLY B 455 2.03 -17.94 30.44
C GLY B 455 0.52 -18.11 30.29
N VAL B 456 -0.27 -17.09 30.67
CA VAL B 456 -1.73 -17.13 30.55
C VAL B 456 -2.18 -15.78 29.95
N ALA B 457 -3.17 -15.88 29.08
CA ALA B 457 -3.77 -14.69 28.46
C ALA B 457 -4.51 -13.78 29.41
N ASP B 458 -4.25 -12.48 29.31
CA ASP B 458 -5.00 -11.49 30.11
C ASP B 458 -6.36 -11.18 29.43
N GLU B 459 -7.13 -10.20 29.97
CA GLU B 459 -8.48 -9.78 29.38
C GLU B 459 -8.41 -9.23 27.96
N HIS B 460 -7.20 -8.96 27.43
CA HIS B 460 -7.05 -8.54 26.08
C HIS B 460 -6.50 -9.67 25.21
N GLY B 461 -6.25 -10.87 25.76
CA GLY B 461 -5.74 -12.00 24.98
C GLY B 461 -4.20 -12.08 24.88
N LEU B 462 -3.52 -11.26 25.68
CA LEU B 462 -2.07 -11.18 25.54
C LEU B 462 -1.45 -11.94 26.75
N THR B 463 -0.38 -12.66 26.46
CA THR B 463 0.24 -13.61 27.50
C THR B 463 0.98 -12.85 28.54
N LYS B 464 0.65 -13.14 29.81
CA LYS B 464 1.41 -12.62 30.98
C LYS B 464 1.83 -13.75 31.90
N PRO B 465 2.92 -13.56 32.64
CA PRO B 465 3.28 -14.66 33.57
C PRO B 465 2.23 -14.76 34.68
N LYS B 466 1.91 -16.01 35.05
CA LYS B 466 1.02 -16.26 36.17
C LYS B 466 1.71 -17.28 37.07
N ALA B 467 1.73 -17.00 38.38
CA ALA B 467 2.43 -17.89 39.31
C ALA B 467 1.43 -18.72 40.10
N TYR B 468 1.81 -19.99 40.32
CA TYR B 468 1.06 -20.89 41.20
C TYR B 468 2.04 -21.21 42.29
N VAL B 469 1.68 -20.82 43.51
CA VAL B 469 2.63 -20.87 44.67
C VAL B 469 2.04 -21.75 45.75
N VAL B 470 2.85 -22.70 46.26
CA VAL B 470 2.50 -23.50 47.47
C VAL B 470 3.17 -22.78 48.63
N PRO B 471 2.38 -22.20 49.58
CA PRO B 471 3.01 -21.60 50.79
C PRO B 471 3.55 -22.64 51.76
N ARG B 472 4.52 -22.24 52.57
CA ARG B 472 5.07 -23.11 53.60
C ARG B 472 4.11 -23.23 54.78
N PRO B 473 4.00 -24.43 55.33
CA PRO B 473 3.09 -24.68 56.45
C PRO B 473 2.90 -23.47 57.36
N GLY B 474 1.66 -23.06 57.55
CA GLY B 474 1.33 -21.94 58.44
C GLY B 474 1.95 -20.58 58.17
N GLN B 475 2.18 -20.24 56.90
CA GLN B 475 2.67 -18.88 56.53
C GLN B 475 1.64 -18.20 55.66
N THR B 476 1.57 -16.88 55.79
CA THR B 476 0.56 -16.07 55.08
C THR B 476 1.24 -15.20 54.00
N LEU B 477 1.00 -15.48 52.72
CA LEU B 477 1.65 -14.65 51.70
C LEU B 477 0.61 -13.73 51.04
N SER B 478 1.01 -12.58 50.52
CA SER B 478 0.14 -11.82 49.64
C SER B 478 0.65 -11.75 48.19
N GLU B 479 -0.28 -11.66 47.24
CA GLU B 479 0.05 -11.40 45.84
C GLU B 479 1.01 -10.18 45.66
N THR B 480 0.73 -9.05 46.33
CA THR B 480 1.58 -7.82 46.21
C THR B 480 3.01 -7.98 46.82
N GLU B 481 3.13 -8.62 47.99
CA GLU B 481 4.44 -8.93 48.56
C GLU B 481 5.33 -9.58 47.46
N LEU B 482 4.80 -10.61 46.81
CA LEU B 482 5.51 -11.38 45.80
C LEU B 482 5.81 -10.65 44.45
N LYS B 483 4.90 -9.74 43.99
CA LYS B 483 5.22 -8.86 42.88
C LYS B 483 6.44 -8.00 43.27
N THR B 484 6.41 -7.44 44.49
CA THR B 484 7.52 -6.59 44.94
C THR B 484 8.82 -7.34 44.99
N PHE B 485 8.73 -8.53 45.57
CA PHE B 485 9.87 -9.40 45.76
C PHE B 485 10.52 -9.69 44.38
N ILE B 486 9.72 -9.87 43.32
CA ILE B 486 10.32 -10.12 42.01
C ILE B 486 10.97 -8.82 41.44
N LYS B 487 10.28 -7.71 41.65
CA LYS B 487 10.68 -6.46 41.00
C LYS B 487 11.99 -5.96 41.62
N ASP B 488 12.20 -6.29 42.89
CA ASP B 488 13.43 -5.94 43.55
C ASP B 488 14.62 -6.81 43.15
N ARG B 489 14.38 -7.93 42.45
CA ARG B 489 15.47 -8.81 42.19
C ARG B 489 15.75 -9.03 40.72
N LEU B 490 14.69 -8.97 39.89
CA LEU B 490 14.90 -9.25 38.44
C LEU B 490 14.53 -7.96 37.69
N ALA B 491 14.72 -7.92 36.35
CA ALA B 491 14.17 -6.81 35.55
C ALA B 491 12.69 -6.61 35.90
N PRO B 492 12.25 -5.34 35.95
CA PRO B 492 10.89 -5.10 36.52
C PRO B 492 9.73 -5.65 35.74
N TYR B 493 9.86 -5.86 34.44
CA TYR B 493 8.69 -6.39 33.64
C TYR B 493 8.52 -7.94 33.77
N LYS B 494 9.43 -8.59 34.45
CA LYS B 494 9.29 -10.06 34.62
C LYS B 494 8.33 -10.46 35.80
N TYR B 495 7.55 -9.55 36.39
CA TYR B 495 6.79 -9.98 37.61
C TYR B 495 5.50 -10.76 37.18
N PRO B 496 5.03 -11.69 38.01
CA PRO B 496 3.77 -12.39 37.70
C PRO B 496 2.61 -11.44 37.88
N ARG B 497 1.72 -11.44 36.91
CA ARG B 497 0.61 -10.50 36.91
C ARG B 497 -0.51 -10.95 37.84
N SER B 498 -0.55 -12.25 38.13
CA SER B 498 -1.39 -12.68 39.24
C SER B 498 -0.66 -13.85 39.87
N THR B 499 -0.95 -14.13 41.16
CA THR B 499 -0.46 -15.35 41.81
C THR B 499 -1.67 -16.11 42.37
N VAL B 500 -1.69 -17.43 42.18
CA VAL B 500 -2.70 -18.32 42.81
C VAL B 500 -2.00 -19.16 43.86
N PHE B 501 -2.50 -19.09 45.13
CA PHE B 501 -1.96 -19.94 46.20
C PHE B 501 -2.73 -21.25 46.29
N VAL B 502 -2.00 -22.35 46.18
CA VAL B 502 -2.53 -23.70 46.10
C VAL B 502 -1.86 -24.61 47.14
N ALA B 503 -2.55 -25.68 47.52
CA ALA B 503 -2.02 -26.61 48.51
C ALA B 503 -0.95 -27.47 47.89
N GLU B 504 -1.05 -27.76 46.60
CA GLU B 504 -0.06 -28.65 45.93
C GLU B 504 -0.03 -28.42 44.40
N LEU B 505 1.07 -28.74 43.74
CA LEU B 505 1.12 -28.49 42.26
C LEU B 505 0.90 -29.84 41.63
N PRO B 506 0.26 -29.91 40.44
CA PRO B 506 0.05 -31.23 39.73
C PRO B 506 1.40 -31.69 39.23
N LYS B 507 1.72 -32.96 39.42
CA LYS B 507 3.07 -33.45 39.05
C LYS B 507 2.97 -34.81 38.40
N THR B 508 3.91 -35.18 37.54
CA THR B 508 3.90 -36.54 37.03
C THR B 508 4.45 -37.49 38.12
N ALA B 509 4.49 -38.79 37.83
CA ALA B 509 5.07 -39.75 38.80
C ALA B 509 6.57 -39.44 39.10
N THR B 510 7.23 -38.87 38.11
CA THR B 510 8.63 -38.41 38.17
C THR B 510 8.87 -37.17 39.10
N GLY B 511 7.76 -36.55 39.50
CA GLY B 511 7.83 -35.30 40.22
C GLY B 511 7.98 -34.06 39.31
N LYS B 512 7.77 -34.22 37.99
CA LYS B 512 7.81 -33.06 37.04
C LYS B 512 6.54 -32.29 37.15
N ILE B 513 6.63 -30.97 37.23
CA ILE B 513 5.37 -30.16 37.30
C ILE B 513 4.63 -30.22 35.95
N GLN B 514 3.31 -30.48 36.02
CA GLN B 514 2.50 -30.51 34.78
C GLN B 514 2.05 -29.07 34.50
N ARG B 515 2.96 -28.33 33.88
CA ARG B 515 2.73 -26.91 33.59
C ARG B 515 1.53 -26.70 32.67
N PHE B 516 1.30 -27.67 31.79
CA PHE B 516 0.18 -27.56 30.85
C PHE B 516 -1.18 -27.52 31.62
N LYS B 517 -1.35 -28.27 32.74
CA LYS B 517 -2.61 -28.13 33.54
C LYS B 517 -2.78 -26.73 34.13
N LEU B 518 -1.63 -26.18 34.58
CA LEU B 518 -1.69 -24.82 35.08
C LEU B 518 -2.10 -23.91 33.97
N ARG B 519 -1.49 -24.05 32.79
CA ARG B 519 -1.79 -23.18 31.67
C ARG B 519 -3.23 -23.35 31.23
N GLU B 520 -3.74 -24.57 31.32
CA GLU B 520 -5.15 -24.86 30.92
C GLU B 520 -6.21 -24.39 31.96
N GLY B 521 -5.78 -23.98 33.15
CA GLY B 521 -6.66 -23.35 34.14
C GLY B 521 -7.31 -24.34 35.15
N VAL B 522 -6.77 -25.55 35.28
CA VAL B 522 -7.33 -26.57 36.20
C VAL B 522 -7.33 -26.07 37.64
N LEU B 523 -6.32 -25.24 38.03
CA LEU B 523 -6.26 -24.70 39.41
C LEU B 523 -6.78 -23.30 39.58
N GLY B 524 -7.48 -22.81 38.54
CA GLY B 524 -7.72 -21.43 38.37
C GLY B 524 -6.49 -20.70 37.79
#